data_7SD2
#
_entry.id   7SD2
#
_cell.length_a   91.000
_cell.length_b   103.845
_cell.length_c   180.204
_cell.angle_alpha   90.000
_cell.angle_beta   94.258
_cell.angle_gamma   90.000
#
_symmetry.space_group_name_H-M   'I 1 2 1'
#
loop_
_entity.id
_entity.type
_entity.pdbx_description
1 polymer 'Heavy Chain Antibody IgE/Fab anti-profilin Hev b 8'
2 polymer 'Light Chain Antibody IgE/Fab anti-profilin Hev b 8'
#
loop_
_entity_poly.entity_id
_entity_poly.type
_entity_poly.pdbx_seq_one_letter_code
_entity_poly.pdbx_strand_id
1 'polypeptide(L)'
;EVQLVESGGGLVQPKGSLKLSCAASGFTFNTYAMNWVRQAPGKGLEWVARIRTKTNNYVTYYADSVKDRFTISRDDSQSM
LYLQMNNLKTEDTAMYYCVRHVGDYWGQGTSVTVSSASIRNPQLYPLKPCKGTASMTLGCLVKDYFPGPVTVTWYSDSLN
MSTVNFPALGSELKVTTSQVTSWGKSAKNFTCHVTHPPSFNESRTILVR
;
H,A,C
2 'polypeptide(L)'
;DIQMTQSPASLSASVGETVTITCRASGNIHNYLAWFQQKQGKSPQLLVYNAKTLADGVPSRFSGSGSGTQYSLKINSLQP
EDFGSYYCQHFWSTPYTFGGGTKLEIKRADAAPTVSIFPPSSEQLTSGGASVVCFLNNFYPKDINVKWKIDGSERQNGVL
NSWTDQDSKDSTYSMSSTLTLTKDEYERHNSYTCEATHKTSTSPIVKSFNRNEC
;
L,B,D
#
# COMPACT_ATOMS: atom_id res chain seq x y z
N GLU A 1 -21.54 -8.88 1.21
CA GLU A 1 -22.01 -7.52 1.46
C GLU A 1 -21.48 -6.56 0.39
N VAL A 2 -20.23 -6.75 0.00
CA VAL A 2 -19.62 -5.91 -1.03
C VAL A 2 -20.20 -6.29 -2.38
N GLN A 3 -20.80 -5.32 -3.05
CA GLN A 3 -21.39 -5.54 -4.37
C GLN A 3 -20.82 -4.54 -5.36
N LEU A 4 -20.81 -4.92 -6.62
CA LEU A 4 -20.36 -4.04 -7.71
C LEU A 4 -21.27 -4.23 -8.90
N VAL A 5 -21.98 -3.18 -9.27
CA VAL A 5 -22.93 -3.21 -10.38
C VAL A 5 -22.32 -2.46 -11.56
N GLU A 6 -22.29 -3.11 -12.73
CA GLU A 6 -21.82 -2.50 -13.96
C GLU A 6 -23.00 -2.28 -14.90
N SER A 7 -23.04 -1.11 -15.54
CA SER A 7 -24.15 -0.77 -16.42
C SER A 7 -23.66 0.10 -17.56
N GLY A 8 -24.51 0.22 -18.59
CA GLY A 8 -24.25 1.08 -19.71
C GLY A 8 -23.55 0.43 -20.89
N GLY A 9 -23.45 -0.89 -20.92
CA GLY A 9 -22.73 -1.59 -21.97
C GLY A 9 -23.67 -2.26 -22.96
N GLY A 10 -23.23 -2.30 -24.22
CA GLY A 10 -24.01 -2.92 -25.27
C GLY A 10 -23.37 -2.81 -26.63
N LEU A 11 -24.20 -2.67 -27.67
CA LEU A 11 -23.69 -2.58 -29.04
C LEU A 11 -23.30 -1.13 -29.33
N VAL A 12 -22.08 -0.95 -29.82
CA VAL A 12 -21.55 0.37 -30.18
C VAL A 12 -20.82 0.23 -31.50
N GLN A 13 -21.21 1.03 -32.50
CA GLN A 13 -20.61 0.95 -33.82
C GLN A 13 -19.14 1.37 -33.78
N PRO A 14 -18.31 0.82 -34.66
CA PRO A 14 -16.88 1.17 -34.66
C PRO A 14 -16.68 2.66 -34.90
N LYS A 15 -15.55 3.16 -34.40
CA LYS A 15 -15.25 4.59 -34.41
C LYS A 15 -16.34 5.40 -33.71
N GLY A 16 -16.85 4.85 -32.61
CA GLY A 16 -17.87 5.51 -31.82
C GLY A 16 -17.46 5.75 -30.39
N SER A 17 -18.43 5.84 -29.48
CA SER A 17 -18.15 6.11 -28.08
C SER A 17 -19.17 5.40 -27.20
N LEU A 18 -18.72 4.98 -26.01
CA LEU A 18 -19.57 4.36 -25.00
C LEU A 18 -18.97 4.63 -23.63
N LYS A 19 -19.85 4.81 -22.64
CA LYS A 19 -19.44 5.08 -21.27
C LYS A 19 -19.96 3.98 -20.35
N LEU A 20 -19.10 3.48 -19.48
CA LEU A 20 -19.41 2.36 -18.60
C LEU A 20 -19.38 2.83 -17.15
N SER A 21 -20.35 2.37 -16.36
CA SER A 21 -20.49 2.79 -14.97
C SER A 21 -20.39 1.59 -14.06
N CYS A 22 -19.56 1.70 -13.03
CA CYS A 22 -19.40 0.66 -12.00
C CYS A 22 -19.90 1.24 -10.68
N ALA A 23 -21.14 0.93 -10.33
CA ALA A 23 -21.74 1.42 -9.10
C ALA A 23 -21.39 0.46 -7.95
N ALA A 24 -20.63 0.96 -6.98
CA ALA A 24 -20.13 0.16 -5.88
C ALA A 24 -20.95 0.40 -4.62
N SER A 25 -20.96 -0.61 -3.75
CA SER A 25 -21.69 -0.55 -2.48
C SER A 25 -21.13 -1.61 -1.55
N GLY A 26 -21.17 -1.32 -0.25
CA GLY A 26 -20.76 -2.25 0.76
C GLY A 26 -19.37 -2.03 1.33
N PHE A 27 -18.65 -1.01 0.87
CA PHE A 27 -17.31 -0.73 1.39
C PHE A 27 -16.99 0.73 1.13
N THR A 28 -15.93 1.20 1.81
CA THR A 28 -15.46 2.56 1.63
C THR A 28 -14.86 2.72 0.24
N PHE A 29 -15.36 3.67 -0.54
CA PHE A 29 -15.00 3.76 -1.95
C PHE A 29 -13.67 4.48 -2.15
N ASN A 30 -13.54 5.68 -1.59
CA ASN A 30 -12.38 6.55 -1.87
C ASN A 30 -11.06 6.00 -1.33
N THR A 31 -11.07 4.89 -0.60
CA THR A 31 -9.84 4.37 -0.03
C THR A 31 -9.17 3.31 -0.88
N TYR A 32 -9.88 2.73 -1.84
CA TYR A 32 -9.33 1.65 -2.66
C TYR A 32 -8.94 2.16 -4.04
N ALA A 33 -8.00 1.43 -4.66
CA ALA A 33 -7.60 1.69 -6.03
C ALA A 33 -8.43 0.80 -6.96
N MET A 34 -9.11 1.41 -7.91
CA MET A 34 -10.06 0.72 -8.76
C MET A 34 -9.45 0.41 -10.12
N ASN A 35 -9.61 -0.84 -10.57
CA ASN A 35 -9.13 -1.28 -11.86
C ASN A 35 -10.30 -1.70 -12.74
N TRP A 36 -10.05 -1.75 -14.05
CA TRP A 36 -10.96 -2.37 -15.00
C TRP A 36 -10.25 -3.52 -15.69
N VAL A 37 -10.99 -4.58 -16.01
CA VAL A 37 -10.46 -5.75 -16.68
C VAL A 37 -11.48 -6.22 -17.72
N ARG A 38 -11.00 -6.55 -18.91
CA ARG A 38 -11.86 -7.06 -19.97
C ARG A 38 -11.47 -8.48 -20.33
N GLN A 39 -12.42 -9.17 -20.98
CA GLN A 39 -12.23 -10.55 -21.42
C GLN A 39 -12.91 -10.74 -22.77
N ALA A 40 -12.14 -11.26 -23.74
CA ALA A 40 -12.56 -11.53 -25.11
C ALA A 40 -13.73 -12.52 -25.14
N PRO A 41 -14.42 -12.71 -26.28
CA PRO A 41 -15.58 -13.63 -26.28
C PRO A 41 -15.28 -15.01 -25.72
N GLY A 42 -14.12 -15.58 -26.04
CA GLY A 42 -13.77 -16.89 -25.53
C GLY A 42 -12.34 -16.97 -25.04
N LYS A 43 -11.57 -15.91 -25.28
CA LYS A 43 -10.16 -15.89 -24.92
C LYS A 43 -9.99 -15.50 -23.46
N GLY A 44 -8.72 -15.35 -23.05
CA GLY A 44 -8.40 -15.05 -21.67
C GLY A 44 -8.62 -13.59 -21.32
N LEU A 45 -8.29 -13.28 -20.07
CA LEU A 45 -8.54 -11.95 -19.51
C LEU A 45 -7.44 -10.98 -19.92
N GLU A 46 -7.68 -9.70 -19.64
CA GLU A 46 -6.74 -8.65 -20.02
C GLU A 46 -7.02 -7.40 -19.20
N TRP A 47 -5.95 -6.79 -18.71
CA TRP A 47 -6.02 -5.57 -17.92
C TRP A 47 -6.04 -4.35 -18.82
N VAL A 48 -6.90 -3.39 -18.51
CA VAL A 48 -7.12 -2.22 -19.37
C VAL A 48 -6.74 -0.93 -18.65
N ALA A 49 -7.23 -0.73 -17.42
CA ALA A 49 -7.04 0.55 -16.76
C ALA A 49 -7.03 0.40 -15.25
N ARG A 50 -6.60 1.47 -14.57
CA ARG A 50 -6.52 1.55 -13.13
C ARG A 50 -6.52 3.01 -12.71
N ILE A 51 -7.20 3.31 -11.60
CA ILE A 51 -7.25 4.67 -11.05
C ILE A 51 -6.91 4.60 -9.57
N ARG A 52 -5.93 5.40 -9.14
CA ARG A 52 -5.48 5.40 -7.76
C ARG A 52 -6.36 6.32 -6.92
N THR A 53 -6.07 6.37 -5.62
CA THR A 53 -6.89 7.11 -4.67
C THR A 53 -6.65 8.60 -4.78
N LYS A 54 -7.49 9.37 -4.07
CA LYS A 54 -7.32 10.82 -4.03
C LYS A 54 -6.05 11.22 -3.31
N THR A 55 -5.58 10.39 -2.38
CA THR A 55 -4.30 10.65 -1.72
C THR A 55 -3.16 10.60 -2.72
N ASN A 56 -3.26 9.72 -3.72
CA ASN A 56 -2.28 9.65 -4.79
C ASN A 56 -2.64 10.53 -5.98
N ASN A 57 -3.63 11.42 -5.81
CA ASN A 57 -4.01 12.41 -6.83
C ASN A 57 -4.53 11.75 -8.10
N TYR A 58 -5.24 10.63 -7.94
CA TYR A 58 -5.95 9.97 -9.03
C TYR A 58 -5.00 9.59 -10.17
N VAL A 59 -3.95 8.83 -9.84
CA VAL A 59 -3.02 8.36 -10.85
C VAL A 59 -3.69 7.29 -11.70
N THR A 60 -3.55 7.40 -13.02
CA THR A 60 -4.18 6.48 -13.96
C THR A 60 -3.12 5.80 -14.81
N TYR A 61 -3.22 4.49 -14.94
CA TYR A 61 -2.35 3.70 -15.80
C TYR A 61 -3.22 2.98 -16.83
N TYR A 62 -2.83 3.10 -18.11
CA TYR A 62 -3.54 2.43 -19.20
C TYR A 62 -2.61 1.44 -19.87
N ALA A 63 -3.20 0.37 -20.40
CA ALA A 63 -2.44 -0.57 -21.21
C ALA A 63 -2.16 0.04 -22.58
N ASP A 64 -1.07 -0.43 -23.20
CA ASP A 64 -0.66 0.12 -24.49
C ASP A 64 -1.64 -0.15 -25.61
N SER A 65 -2.65 -1.01 -25.39
CA SER A 65 -3.61 -1.30 -26.43
C SER A 65 -4.63 -0.18 -26.60
N VAL A 66 -5.02 0.47 -25.50
CA VAL A 66 -6.02 1.52 -25.53
C VAL A 66 -5.43 2.79 -24.95
N LYS A 67 -4.15 3.04 -25.21
CA LYS A 67 -3.42 4.09 -24.50
C LYS A 67 -4.05 5.47 -24.71
N ASP A 68 -4.31 5.83 -25.97
CA ASP A 68 -4.84 7.15 -26.29
C ASP A 68 -6.34 7.15 -26.51
N ARG A 69 -7.01 6.00 -26.43
CA ARG A 69 -8.41 5.91 -26.77
C ARG A 69 -9.35 5.89 -25.57
N PHE A 70 -8.93 5.27 -24.47
CA PHE A 70 -9.79 5.10 -23.30
C PHE A 70 -9.50 6.17 -22.26
N THR A 71 -10.48 6.40 -21.38
CA THR A 71 -10.35 7.41 -20.35
C THR A 71 -11.11 6.95 -19.10
N ILE A 72 -10.36 6.62 -18.06
CA ILE A 72 -10.95 6.19 -16.79
C ILE A 72 -11.16 7.41 -15.90
N SER A 73 -12.12 7.29 -14.99
CA SER A 73 -12.46 8.38 -14.08
C SER A 73 -13.32 7.82 -12.95
N ARG A 74 -13.28 8.50 -11.81
CA ARG A 74 -14.02 8.07 -10.63
C ARG A 74 -14.62 9.28 -9.93
N ASP A 75 -15.75 9.05 -9.26
CA ASP A 75 -16.41 10.06 -8.44
C ASP A 75 -16.66 9.45 -7.07
N ASP A 76 -15.76 9.74 -6.12
CA ASP A 76 -15.89 9.18 -4.79
C ASP A 76 -17.09 9.73 -4.04
N SER A 77 -17.62 10.88 -4.46
CA SER A 77 -18.82 11.42 -3.82
C SER A 77 -20.00 10.48 -3.99
N GLN A 78 -20.32 10.12 -5.23
CA GLN A 78 -21.42 9.21 -5.53
C GLN A 78 -21.00 7.75 -5.49
N SER A 79 -19.71 7.46 -5.28
CA SER A 79 -19.19 6.10 -5.20
C SER A 79 -19.46 5.32 -6.49
N MET A 80 -19.06 5.89 -7.61
CA MET A 80 -19.18 5.25 -8.92
C MET A 80 -17.87 5.39 -9.69
N LEU A 81 -17.50 4.31 -10.38
CA LEU A 81 -16.33 4.28 -11.24
C LEU A 81 -16.78 4.30 -12.70
N TYR A 82 -16.12 5.12 -13.51
CA TYR A 82 -16.47 5.29 -14.91
C TYR A 82 -15.27 4.97 -15.80
N LEU A 83 -15.59 4.43 -16.98
CA LEU A 83 -14.59 4.18 -18.03
C LEU A 83 -15.17 4.65 -19.35
N GLN A 84 -14.59 5.70 -19.91
CA GLN A 84 -15.05 6.28 -21.17
C GLN A 84 -14.19 5.76 -22.31
N MET A 85 -14.82 5.08 -23.26
CA MET A 85 -14.12 4.44 -24.38
C MET A 85 -14.40 5.23 -25.64
N ASN A 86 -13.34 5.73 -26.28
CA ASN A 86 -13.45 6.53 -27.48
C ASN A 86 -12.75 5.83 -28.64
N ASN A 87 -13.23 6.09 -29.86
CA ASN A 87 -12.67 5.52 -31.08
C ASN A 87 -12.61 3.99 -30.96
N LEU A 88 -13.76 3.40 -30.65
CA LEU A 88 -13.82 1.97 -30.36
C LEU A 88 -13.48 1.14 -31.59
N LYS A 89 -12.48 0.26 -31.44
CA LYS A 89 -12.11 -0.65 -32.51
C LYS A 89 -12.88 -1.97 -32.37
N THR A 90 -12.95 -2.71 -33.47
CA THR A 90 -13.64 -4.00 -33.45
C THR A 90 -12.98 -4.97 -32.49
N GLU A 91 -11.67 -4.83 -32.27
CA GLU A 91 -10.95 -5.71 -31.38
C GLU A 91 -11.34 -5.51 -29.91
N ASP A 92 -11.93 -4.37 -29.57
CA ASP A 92 -12.32 -4.09 -28.20
C ASP A 92 -13.60 -4.82 -27.78
N THR A 93 -14.21 -5.58 -28.68
CA THR A 93 -15.42 -6.33 -28.34
C THR A 93 -15.12 -7.34 -27.24
N ALA A 94 -15.63 -7.08 -26.03
CA ALA A 94 -15.30 -7.92 -24.88
C ALA A 94 -16.31 -7.61 -23.78
N MET A 95 -16.19 -8.35 -22.69
CA MET A 95 -16.96 -8.11 -21.47
C MET A 95 -16.06 -7.46 -20.44
N TYR A 96 -16.52 -6.36 -19.87
CA TYR A 96 -15.72 -5.52 -18.98
C TYR A 96 -16.14 -5.72 -17.53
N TYR A 97 -15.17 -6.01 -16.69
CA TYR A 97 -15.36 -6.16 -15.25
C TYR A 97 -14.62 -5.03 -14.53
N CYS A 98 -15.29 -4.42 -13.56
CA CYS A 98 -14.63 -3.49 -12.65
C CYS A 98 -14.22 -4.25 -11.40
N VAL A 99 -12.96 -4.08 -10.99
CA VAL A 99 -12.40 -4.82 -9.87
C VAL A 99 -11.79 -3.85 -8.87
N ARG A 100 -11.70 -4.29 -7.62
CA ARG A 100 -11.13 -3.51 -6.53
C ARG A 100 -9.73 -4.00 -6.23
N HIS A 101 -8.74 -3.10 -6.31
CA HIS A 101 -7.37 -3.35 -5.87
C HIS A 101 -6.80 -4.56 -6.63
N VAL A 102 -6.33 -5.60 -5.93
CA VAL A 102 -5.68 -6.73 -6.59
C VAL A 102 -6.70 -7.77 -7.05
N GLY A 103 -7.98 -7.43 -6.95
CA GLY A 103 -9.04 -8.36 -7.31
C GLY A 103 -9.78 -8.99 -6.15
N ASP A 104 -9.88 -8.30 -5.01
CA ASP A 104 -10.64 -8.84 -3.89
C ASP A 104 -12.09 -9.10 -4.30
N TYR A 105 -12.71 -8.14 -4.98
CA TYR A 105 -14.11 -8.24 -5.35
C TYR A 105 -14.30 -7.79 -6.78
N TRP A 106 -14.98 -8.61 -7.56
CA TRP A 106 -15.23 -8.39 -8.97
C TRP A 106 -16.71 -8.08 -9.19
N GLY A 107 -17.02 -7.57 -10.38
CA GLY A 107 -18.37 -7.27 -10.75
C GLY A 107 -18.98 -8.38 -11.61
N GLN A 108 -20.31 -8.27 -11.80
CA GLN A 108 -21.00 -9.20 -12.68
C GLN A 108 -20.59 -9.01 -14.14
N GLY A 109 -20.05 -7.85 -14.49
CA GLY A 109 -19.59 -7.58 -15.83
C GLY A 109 -20.70 -7.08 -16.74
N THR A 110 -20.29 -6.37 -17.79
CA THR A 110 -21.21 -5.90 -18.81
C THR A 110 -20.57 -6.09 -20.17
N SER A 111 -21.33 -6.63 -21.13
CA SER A 111 -20.79 -7.00 -22.42
C SER A 111 -20.84 -5.81 -23.37
N VAL A 112 -19.71 -5.56 -24.05
CA VAL A 112 -19.60 -4.50 -25.04
C VAL A 112 -19.23 -5.13 -26.38
N THR A 113 -20.04 -4.85 -27.40
CA THR A 113 -19.85 -5.40 -28.74
C THR A 113 -19.64 -4.25 -29.71
N VAL A 114 -18.49 -4.23 -30.36
CA VAL A 114 -18.16 -3.23 -31.37
C VAL A 114 -18.39 -3.88 -32.73
N SER A 115 -19.52 -3.55 -33.35
CA SER A 115 -19.94 -4.16 -34.60
C SER A 115 -20.62 -3.14 -35.48
N SER A 116 -20.64 -3.42 -36.79
CA SER A 116 -21.36 -2.61 -37.76
C SER A 116 -22.74 -3.16 -38.06
N ALA A 117 -23.04 -4.39 -37.65
CA ALA A 117 -24.36 -4.97 -37.84
C ALA A 117 -25.34 -4.38 -36.83
N SER A 118 -26.59 -4.80 -36.93
CA SER A 118 -27.66 -4.26 -36.10
C SER A 118 -28.17 -5.32 -35.14
N ILE A 119 -28.69 -4.85 -34.00
CA ILE A 119 -29.25 -5.76 -33.01
C ILE A 119 -30.44 -6.47 -33.61
N ARG A 120 -30.36 -7.79 -33.67
CA ARG A 120 -31.47 -8.64 -34.08
C ARG A 120 -31.99 -9.33 -32.83
N ASN A 121 -33.17 -8.93 -32.37
CA ASN A 121 -33.74 -9.51 -31.17
C ASN A 121 -34.01 -11.00 -31.41
N PRO A 122 -33.96 -11.82 -30.36
CA PRO A 122 -34.02 -13.27 -30.56
C PRO A 122 -35.40 -13.74 -31.00
N GLN A 123 -35.40 -14.92 -31.61
CA GLN A 123 -36.62 -15.60 -32.03
C GLN A 123 -36.71 -16.88 -31.21
N LEU A 124 -37.46 -16.82 -30.11
CA LEU A 124 -37.55 -17.95 -29.18
C LEU A 124 -38.64 -18.92 -29.63
N TYR A 125 -38.30 -20.20 -29.69
CA TYR A 125 -39.20 -21.26 -30.10
C TYR A 125 -39.33 -22.30 -28.99
N PRO A 126 -40.52 -22.82 -28.74
CA PRO A 126 -40.68 -23.91 -27.77
C PRO A 126 -40.24 -25.24 -28.35
N LEU A 127 -39.69 -26.08 -27.47
CA LEU A 127 -39.20 -27.41 -27.84
C LEU A 127 -39.81 -28.42 -26.88
N LYS A 128 -40.66 -29.30 -27.41
CA LYS A 128 -41.36 -30.31 -26.62
C LYS A 128 -41.37 -31.62 -27.39
N PRO A 129 -41.35 -32.75 -26.68
CA PRO A 129 -41.37 -34.05 -27.38
C PRO A 129 -42.71 -34.29 -28.06
N CYS A 130 -42.67 -35.11 -29.10
CA CYS A 130 -43.89 -35.44 -29.83
C CYS A 130 -44.88 -36.17 -28.93
N LYS A 131 -46.16 -35.91 -29.13
CA LYS A 131 -47.20 -36.56 -28.35
C LYS A 131 -47.12 -38.06 -28.53
N GLY A 132 -47.34 -38.80 -27.44
CA GLY A 132 -47.15 -40.22 -27.41
C GLY A 132 -45.76 -40.66 -26.97
N THR A 133 -44.78 -39.76 -27.05
CA THR A 133 -43.43 -40.05 -26.57
C THR A 133 -43.09 -39.12 -25.42
N ALA A 134 -43.97 -39.07 -24.42
CA ALA A 134 -43.75 -38.22 -23.26
C ALA A 134 -42.49 -38.63 -22.51
N SER A 135 -41.72 -37.63 -22.10
CA SER A 135 -40.44 -37.85 -21.43
C SER A 135 -40.28 -36.85 -20.31
N MET A 136 -39.33 -37.12 -19.42
CA MET A 136 -39.05 -36.26 -18.28
C MET A 136 -38.05 -35.17 -18.63
N THR A 137 -38.34 -34.42 -19.69
CA THR A 137 -37.45 -33.37 -20.15
C THR A 137 -38.20 -32.44 -21.09
N LEU A 138 -37.67 -31.22 -21.20
CA LEU A 138 -38.19 -30.20 -22.11
C LEU A 138 -37.08 -29.18 -22.34
N GLY A 139 -37.39 -28.17 -23.14
CA GLY A 139 -36.38 -27.16 -23.45
C GLY A 139 -36.95 -26.06 -24.32
N CYS A 140 -36.18 -24.97 -24.41
CA CYS A 140 -36.46 -23.83 -25.27
C CYS A 140 -35.31 -23.62 -26.24
N LEU A 141 -35.58 -22.85 -27.29
CA LEU A 141 -34.57 -22.50 -28.29
C LEU A 141 -34.57 -21.00 -28.50
N VAL A 142 -33.38 -20.44 -28.71
CA VAL A 142 -33.20 -19.00 -28.89
C VAL A 142 -32.35 -18.84 -30.16
N LYS A 143 -33.00 -18.69 -31.30
CA LYS A 143 -32.32 -18.61 -32.59
C LYS A 143 -32.25 -17.16 -33.06
N ASP A 144 -31.22 -16.89 -33.88
CA ASP A 144 -31.02 -15.59 -34.53
C ASP A 144 -31.07 -14.46 -33.52
N TYR A 145 -30.10 -14.47 -32.61
CA TYR A 145 -30.01 -13.44 -31.58
C TYR A 145 -28.62 -12.81 -31.62
N PHE A 146 -28.60 -11.48 -31.67
CA PHE A 146 -27.39 -10.66 -31.76
C PHE A 146 -27.65 -9.29 -31.16
N PRO A 147 -26.75 -8.78 -30.31
CA PRO A 147 -25.57 -9.48 -29.79
C PRO A 147 -25.82 -10.09 -28.41
N GLY A 148 -24.83 -10.77 -27.85
CA GLY A 148 -24.97 -11.35 -26.54
C GLY A 148 -25.04 -10.28 -25.46
N PRO A 149 -25.42 -10.67 -24.24
CA PRO A 149 -25.84 -12.03 -23.88
C PRO A 149 -27.35 -12.16 -23.73
N VAL A 150 -27.86 -13.39 -23.81
CA VAL A 150 -29.28 -13.67 -23.65
C VAL A 150 -29.52 -14.17 -22.23
N THR A 151 -30.41 -13.50 -21.51
CA THR A 151 -30.73 -13.86 -20.13
C THR A 151 -31.93 -14.80 -20.14
N VAL A 152 -31.65 -16.10 -20.17
CA VAL A 152 -32.69 -17.13 -20.20
C VAL A 152 -32.78 -17.76 -18.81
N THR A 153 -33.91 -17.58 -18.16
CA THR A 153 -34.20 -18.17 -16.87
C THR A 153 -35.53 -18.90 -16.93
N TRP A 154 -35.67 -19.91 -16.07
CA TRP A 154 -36.82 -20.81 -16.10
C TRP A 154 -37.70 -20.60 -14.88
N TYR A 155 -39.02 -20.62 -15.10
CA TYR A 155 -40.01 -20.56 -14.04
C TYR A 155 -40.99 -21.70 -14.25
N SER A 156 -41.12 -22.57 -13.24
CA SER A 156 -42.00 -23.73 -13.33
C SER A 156 -42.79 -23.88 -12.03
N ASP A 157 -43.91 -24.60 -12.13
CA ASP A 157 -44.79 -24.78 -10.98
C ASP A 157 -44.25 -25.81 -9.99
N SER A 158 -43.71 -26.93 -10.49
CA SER A 158 -43.14 -27.93 -9.60
C SER A 158 -41.95 -27.35 -8.84
N LEU A 159 -41.92 -27.60 -7.53
CA LEU A 159 -40.88 -27.04 -6.68
C LEU A 159 -39.49 -27.48 -7.12
N ASN A 160 -39.26 -28.79 -7.13
CA ASN A 160 -37.99 -29.31 -7.61
C ASN A 160 -37.87 -29.11 -9.11
N MET A 161 -36.68 -28.75 -9.56
CA MET A 161 -36.42 -28.51 -10.97
C MET A 161 -34.92 -28.59 -11.23
N SER A 162 -34.57 -28.84 -12.49
CA SER A 162 -33.19 -28.89 -12.93
C SER A 162 -33.11 -28.20 -14.28
N THR A 163 -32.32 -27.13 -14.36
CA THR A 163 -32.18 -26.34 -15.58
C THR A 163 -30.70 -26.21 -15.93
N VAL A 164 -30.37 -26.42 -17.20
CA VAL A 164 -29.00 -26.34 -17.69
C VAL A 164 -28.98 -25.38 -18.87
N ASN A 165 -28.18 -24.33 -18.77
CA ASN A 165 -28.04 -23.33 -19.84
C ASN A 165 -26.83 -23.66 -20.70
N PHE A 166 -27.06 -23.78 -22.03
CA PHE A 166 -26.00 -24.16 -22.96
C PHE A 166 -25.27 -22.92 -23.49
N PRO A 167 -24.01 -23.08 -23.88
CA PRO A 167 -23.27 -21.93 -24.42
C PRO A 167 -23.84 -21.45 -25.74
N ALA A 168 -23.71 -20.15 -25.97
CA ALA A 168 -24.17 -19.53 -27.20
C ALA A 168 -23.17 -19.80 -28.32
N LEU A 169 -23.62 -20.49 -29.36
CA LEU A 169 -22.77 -20.83 -30.50
C LEU A 169 -23.03 -19.84 -31.63
N GLY A 170 -22.11 -18.91 -31.83
CA GLY A 170 -22.24 -17.94 -32.91
C GLY A 170 -21.20 -16.84 -32.88
N SER A 171 -20.97 -16.20 -34.03
CA SER A 171 -20.05 -15.08 -34.16
C SER A 171 -20.71 -13.87 -34.81
N GLU A 172 -21.62 -14.07 -35.75
CA GLU A 172 -22.38 -12.97 -36.36
C GLU A 172 -23.86 -12.99 -35.97
N LEU A 173 -24.47 -14.17 -35.93
CA LEU A 173 -25.84 -14.34 -35.46
C LEU A 173 -25.85 -15.57 -34.57
N LYS A 174 -25.95 -15.35 -33.26
CA LYS A 174 -25.76 -16.44 -32.32
C LYS A 174 -27.05 -17.23 -32.11
N VAL A 175 -26.91 -18.38 -31.45
CA VAL A 175 -28.05 -19.24 -31.13
C VAL A 175 -27.70 -20.02 -29.86
N THR A 176 -28.68 -20.14 -28.97
CA THR A 176 -28.48 -20.84 -27.71
C THR A 176 -29.75 -21.58 -27.32
N THR A 177 -29.58 -22.74 -26.69
CA THR A 177 -30.68 -23.54 -26.18
C THR A 177 -30.52 -23.73 -24.67
N SER A 178 -31.57 -24.25 -24.04
CA SER A 178 -31.59 -24.47 -22.60
C SER A 178 -32.55 -25.59 -22.28
N GLN A 179 -32.08 -26.59 -21.53
CA GLN A 179 -32.87 -27.77 -21.22
C GLN A 179 -33.37 -27.70 -19.77
N VAL A 180 -34.44 -28.47 -19.51
CA VAL A 180 -35.02 -28.58 -18.18
C VAL A 180 -35.37 -30.04 -17.95
N THR A 181 -35.02 -30.55 -16.77
CA THR A 181 -35.30 -31.93 -16.39
C THR A 181 -36.48 -31.95 -15.42
N SER A 182 -37.51 -32.71 -15.75
CA SER A 182 -38.71 -32.82 -14.92
C SER A 182 -38.38 -33.64 -13.69
N TRP A 183 -38.16 -32.98 -12.56
CA TRP A 183 -37.86 -33.63 -11.29
C TRP A 183 -38.89 -33.21 -10.26
N GLY A 184 -39.37 -34.17 -9.47
CA GLY A 184 -40.36 -33.90 -8.45
C GLY A 184 -41.78 -33.99 -8.95
N LYS A 188 -46.58 -29.19 -13.99
CA LYS A 188 -47.69 -29.25 -14.95
C LYS A 188 -47.43 -28.34 -16.15
N ASN A 189 -46.61 -27.31 -15.94
CA ASN A 189 -46.28 -26.36 -16.99
C ASN A 189 -44.97 -25.68 -16.65
N PHE A 190 -44.46 -24.91 -17.60
CA PHE A 190 -43.20 -24.20 -17.42
C PHE A 190 -43.11 -23.08 -18.44
N THR A 191 -42.16 -22.17 -18.23
CA THR A 191 -41.95 -21.05 -19.12
C THR A 191 -40.50 -20.58 -19.01
N CYS A 192 -39.92 -20.22 -20.14
CA CYS A 192 -38.55 -19.71 -20.21
C CYS A 192 -38.60 -18.22 -20.54
N HIS A 193 -38.03 -17.40 -19.67
CA HIS A 193 -38.02 -15.94 -19.83
C HIS A 193 -36.69 -15.52 -20.44
N VAL A 194 -36.72 -15.16 -21.72
CA VAL A 194 -35.54 -14.65 -22.41
C VAL A 194 -35.47 -13.14 -22.21
N THR A 195 -34.26 -12.62 -22.08
CA THR A 195 -34.06 -11.18 -21.92
C THR A 195 -32.78 -10.78 -22.64
N HIS A 196 -32.91 -10.14 -23.80
CA HIS A 196 -31.88 -9.52 -24.63
C HIS A 196 -31.62 -8.10 -24.14
N PRO A 197 -30.37 -7.64 -24.13
CA PRO A 197 -30.03 -6.35 -23.47
C PRO A 197 -30.82 -5.17 -24.00
N PRO A 198 -31.07 -5.07 -25.33
CA PRO A 198 -31.95 -3.96 -25.77
C PRO A 198 -33.44 -4.26 -25.57
N SER A 199 -33.81 -4.53 -24.32
CA SER A 199 -35.21 -4.59 -23.87
C SER A 199 -36.04 -5.55 -24.72
N PHE A 200 -35.79 -6.84 -24.52
CA PHE A 200 -36.60 -7.90 -25.10
C PHE A 200 -37.08 -8.81 -23.99
N ASN A 201 -37.98 -8.30 -23.14
CA ASN A 201 -38.52 -9.06 -22.01
C ASN A 201 -39.69 -9.89 -22.51
N GLU A 202 -39.37 -11.01 -23.16
CA GLU A 202 -40.36 -11.89 -23.75
C GLU A 202 -40.15 -13.32 -23.26
N SER A 203 -41.25 -14.09 -23.26
CA SER A 203 -41.22 -15.47 -22.77
C SER A 203 -42.32 -16.27 -23.46
N ARG A 204 -42.07 -17.57 -23.61
CA ARG A 204 -43.03 -18.51 -24.18
C ARG A 204 -43.17 -19.70 -23.25
N THR A 205 -44.40 -20.17 -23.08
CA THR A 205 -44.72 -21.23 -22.13
C THR A 205 -44.92 -22.55 -22.85
N ILE A 206 -44.58 -23.63 -22.14
CA ILE A 206 -44.75 -24.99 -22.63
C ILE A 206 -45.56 -25.77 -21.60
N LEU A 207 -46.61 -26.43 -22.06
CA LEU A 207 -47.47 -27.21 -21.16
C LEU A 207 -47.99 -28.46 -21.85
N ILE B 2 7.02 -6.53 -18.17
CA ILE B 2 6.88 -7.77 -17.40
C ILE B 2 5.60 -8.51 -17.81
N GLN B 3 5.76 -9.54 -18.63
CA GLN B 3 4.64 -10.35 -19.07
C GLN B 3 4.78 -11.77 -18.49
N MET B 4 3.64 -12.43 -18.31
CA MET B 4 3.58 -13.70 -17.61
C MET B 4 3.22 -14.84 -18.56
N THR B 5 3.89 -15.97 -18.37
CA THR B 5 3.60 -17.21 -19.09
C THR B 5 3.24 -18.30 -18.09
N GLN B 6 2.18 -19.05 -18.39
CA GLN B 6 1.57 -19.96 -17.44
C GLN B 6 1.55 -21.38 -18.00
N SER B 7 1.79 -22.36 -17.14
CA SER B 7 1.87 -23.78 -17.52
C SER B 7 1.25 -24.63 -16.43
N PRO B 8 0.52 -25.70 -16.78
CA PRO B 8 0.21 -26.10 -18.15
C PRO B 8 -1.00 -25.36 -18.69
N ALA B 9 -1.40 -25.66 -19.92
CA ALA B 9 -2.58 -25.04 -20.50
C ALA B 9 -3.85 -25.81 -20.17
N SER B 10 -3.76 -27.11 -19.99
CA SER B 10 -4.91 -27.93 -19.65
C SER B 10 -4.46 -29.08 -18.77
N LEU B 11 -5.08 -29.23 -17.61
CA LEU B 11 -4.78 -30.32 -16.70
C LEU B 11 -6.05 -31.12 -16.44
N SER B 12 -5.87 -32.39 -16.09
CA SER B 12 -7.00 -33.28 -15.82
C SER B 12 -6.57 -34.27 -14.74
N ALA B 13 -7.21 -34.18 -13.58
CA ALA B 13 -6.94 -35.07 -12.46
C ALA B 13 -8.26 -35.41 -11.78
N SER B 14 -8.31 -36.60 -11.18
CA SER B 14 -9.52 -37.06 -10.52
C SER B 14 -9.61 -36.48 -9.11
N VAL B 15 -10.73 -36.75 -8.43
CA VAL B 15 -10.95 -36.18 -7.11
C VAL B 15 -9.93 -36.74 -6.13
N GLY B 16 -9.24 -35.86 -5.42
CA GLY B 16 -8.27 -36.23 -4.42
C GLY B 16 -6.82 -36.07 -4.85
N GLU B 17 -6.55 -36.10 -6.15
CA GLU B 17 -5.18 -35.95 -6.64
C GLU B 17 -4.75 -34.49 -6.62
N THR B 18 -3.53 -34.25 -6.17
CA THR B 18 -3.00 -32.90 -6.07
C THR B 18 -2.42 -32.45 -7.41
N VAL B 19 -2.67 -31.20 -7.75
CA VAL B 19 -2.20 -30.61 -9.01
C VAL B 19 -1.36 -29.38 -8.69
N THR B 20 -0.49 -29.03 -9.62
CA THR B 20 0.45 -27.92 -9.44
C THR B 20 0.55 -27.16 -10.74
N ILE B 21 -0.02 -25.96 -10.77
CA ILE B 21 0.07 -25.06 -11.91
C ILE B 21 1.20 -24.07 -11.64
N THR B 22 2.08 -23.89 -12.61
CA THR B 22 3.17 -22.94 -12.50
C THR B 22 2.91 -21.73 -13.38
N CYS B 23 3.48 -20.59 -12.98
CA CYS B 23 3.35 -19.34 -13.72
C CYS B 23 4.69 -18.65 -13.71
N ARG B 24 5.26 -18.44 -14.90
CA ARG B 24 6.56 -17.78 -15.04
C ARG B 24 6.36 -16.31 -15.40
N ALA B 25 7.42 -15.53 -15.24
CA ALA B 25 7.36 -14.09 -15.45
C ALA B 25 8.54 -13.62 -16.29
N SER B 26 8.42 -12.40 -16.82
CA SER B 26 9.50 -11.81 -17.61
C SER B 26 10.62 -11.29 -16.73
N GLY B 27 10.33 -10.96 -15.48
CA GLY B 27 11.33 -10.47 -14.55
C GLY B 27 10.97 -10.75 -13.11
N ASN B 28 11.57 -9.99 -12.19
CA ASN B 28 11.28 -10.14 -10.76
C ASN B 28 10.07 -9.27 -10.41
N ILE B 29 8.96 -9.92 -10.07
CA ILE B 29 7.74 -9.21 -9.68
C ILE B 29 7.61 -9.08 -8.16
N HIS B 30 8.47 -9.75 -7.39
CA HIS B 30 8.59 -9.54 -5.95
C HIS B 30 7.28 -9.86 -5.22
N ASN B 31 6.78 -11.08 -5.46
CA ASN B 31 5.63 -11.63 -4.73
C ASN B 31 4.41 -10.72 -4.82
N TYR B 32 4.16 -10.16 -6.01
CA TYR B 32 2.99 -9.34 -6.27
C TYR B 32 1.96 -10.06 -7.13
N LEU B 33 1.99 -11.39 -7.13
CA LEU B 33 1.14 -12.20 -7.98
C LEU B 33 -0.17 -12.57 -7.29
N ALA B 34 -1.20 -12.83 -8.09
CA ALA B 34 -2.51 -13.24 -7.59
C ALA B 34 -3.08 -14.32 -8.49
N TRP B 35 -3.76 -15.30 -7.89
CA TRP B 35 -4.42 -16.36 -8.61
C TRP B 35 -5.93 -16.18 -8.54
N PHE B 36 -6.60 -16.36 -9.67
CA PHE B 36 -8.06 -16.29 -9.75
C PHE B 36 -8.63 -17.57 -10.33
N GLN B 37 -9.77 -17.98 -9.80
CA GLN B 37 -10.57 -19.06 -10.37
C GLN B 37 -11.81 -18.45 -11.02
N GLN B 38 -12.00 -18.71 -12.30
CA GLN B 38 -13.18 -18.24 -13.02
C GLN B 38 -13.93 -19.43 -13.59
N LYS B 39 -15.13 -19.67 -13.07
CA LYS B 39 -16.01 -20.66 -13.64
C LYS B 39 -16.69 -20.09 -14.88
N GLN B 40 -17.07 -20.97 -15.80
CA GLN B 40 -17.57 -20.53 -17.10
C GLN B 40 -18.84 -19.70 -16.93
N GLY B 41 -18.85 -18.53 -17.58
CA GLY B 41 -20.00 -17.66 -17.50
C GLY B 41 -20.19 -16.98 -16.16
N LYS B 42 -19.15 -16.92 -15.33
CA LYS B 42 -19.22 -16.28 -14.03
C LYS B 42 -18.01 -15.38 -13.86
N SER B 43 -18.11 -14.49 -12.87
CA SER B 43 -17.02 -13.57 -12.60
C SER B 43 -15.86 -14.31 -11.92
N PRO B 44 -14.64 -13.85 -12.13
CA PRO B 44 -13.50 -14.46 -11.44
C PRO B 44 -13.55 -14.24 -9.94
N GLN B 45 -12.95 -15.18 -9.21
CA GLN B 45 -12.87 -15.11 -7.75
C GLN B 45 -11.42 -15.27 -7.33
N LEU B 46 -10.97 -14.41 -6.43
CA LEU B 46 -9.59 -14.47 -5.96
C LEU B 46 -9.35 -15.73 -5.13
N LEU B 47 -8.17 -16.32 -5.32
CA LEU B 47 -7.77 -17.51 -4.58
C LEU B 47 -6.60 -17.23 -3.66
N VAL B 48 -5.47 -16.78 -4.21
CA VAL B 48 -4.25 -16.51 -3.48
C VAL B 48 -3.73 -15.16 -3.91
N TYR B 49 -3.35 -14.31 -2.95
CA TYR B 49 -2.74 -13.02 -3.25
C TYR B 49 -1.41 -12.91 -2.52
N ASN B 50 -0.58 -11.99 -3.00
CA ASN B 50 0.79 -11.84 -2.51
C ASN B 50 1.53 -13.17 -2.50
N ALA B 51 1.47 -13.87 -3.64
CA ALA B 51 2.20 -15.10 -3.92
C ALA B 51 1.70 -16.29 -3.12
N LYS B 52 1.56 -16.15 -1.80
CA LYS B 52 1.24 -17.28 -0.94
C LYS B 52 0.10 -17.05 0.04
N THR B 53 -0.30 -15.81 0.30
CA THR B 53 -1.35 -15.54 1.29
C THR B 53 -2.72 -15.93 0.71
N LEU B 54 -3.43 -16.81 1.42
CA LEU B 54 -4.77 -17.18 1.02
C LEU B 54 -5.74 -16.03 1.27
N ALA B 55 -6.93 -16.14 0.67
CA ALA B 55 -7.97 -15.15 0.81
C ALA B 55 -9.11 -15.69 1.66
N ASP B 56 -9.97 -14.77 2.13
CA ASP B 56 -11.10 -15.15 2.96
C ASP B 56 -12.10 -15.97 2.16
N GLY B 57 -12.66 -16.99 2.79
CA GLY B 57 -13.59 -17.89 2.13
C GLY B 57 -12.95 -18.92 1.23
N VAL B 58 -11.70 -18.73 0.84
CA VAL B 58 -10.98 -19.69 0.02
C VAL B 58 -10.53 -20.85 0.90
N PRO B 59 -10.90 -22.08 0.56
CA PRO B 59 -10.54 -23.22 1.42
C PRO B 59 -9.03 -23.39 1.54
N SER B 60 -8.62 -24.11 2.59
CA SER B 60 -7.21 -24.28 2.92
C SER B 60 -6.50 -25.26 1.99
N ARG B 61 -7.23 -25.98 1.13
CA ARG B 61 -6.57 -26.90 0.20
C ARG B 61 -5.88 -26.17 -0.94
N PHE B 62 -6.19 -24.89 -1.14
CA PHE B 62 -5.62 -24.10 -2.23
C PHE B 62 -4.30 -23.47 -1.80
N SER B 63 -3.30 -24.32 -1.57
CA SER B 63 -2.01 -23.85 -1.12
C SER B 63 -1.28 -23.12 -2.25
N GLY B 64 -0.88 -21.88 -1.99
CA GLY B 64 -0.04 -21.13 -2.90
C GLY B 64 1.42 -21.26 -2.52
N SER B 65 2.29 -21.07 -3.51
CA SER B 65 3.72 -21.26 -3.28
C SER B 65 4.50 -20.54 -4.37
N GLY B 66 5.82 -20.51 -4.19
CA GLY B 66 6.71 -19.89 -5.15
C GLY B 66 7.36 -18.62 -4.60
N SER B 67 8.38 -18.17 -5.33
CA SER B 67 9.10 -16.95 -5.01
C SER B 67 9.99 -16.59 -6.19
N GLY B 68 10.47 -15.35 -6.18
CA GLY B 68 11.37 -14.87 -7.22
C GLY B 68 10.67 -14.47 -8.50
N THR B 69 11.04 -15.12 -9.61
CA THR B 69 10.45 -14.88 -10.91
C THR B 69 9.56 -16.03 -11.37
N GLN B 70 9.36 -17.04 -10.54
CA GLN B 70 8.53 -18.19 -10.86
C GLN B 70 7.64 -18.51 -9.66
N TYR B 71 6.36 -18.75 -9.92
CA TYR B 71 5.40 -19.03 -8.87
C TYR B 71 4.54 -20.21 -9.28
N SER B 72 3.89 -20.81 -8.29
CA SER B 72 3.10 -22.02 -8.51
C SER B 72 1.84 -21.98 -7.65
N LEU B 73 0.99 -22.97 -7.84
CA LEU B 73 -0.28 -23.05 -7.12
C LEU B 73 -0.64 -24.53 -6.97
N LYS B 74 -0.62 -25.03 -5.75
CA LYS B 74 -0.85 -26.44 -5.47
C LYS B 74 -2.21 -26.63 -4.82
N ILE B 75 -3.04 -27.47 -5.43
CA ILE B 75 -4.37 -27.79 -4.92
C ILE B 75 -4.33 -29.25 -4.47
N ASN B 76 -4.17 -29.48 -3.17
CA ASN B 76 -4.30 -30.82 -2.63
C ASN B 76 -5.76 -31.16 -2.38
N SER B 77 -6.06 -32.45 -2.41
CA SER B 77 -7.43 -32.95 -2.20
C SER B 77 -8.42 -32.22 -3.11
N LEU B 78 -8.23 -32.41 -4.41
CA LEU B 78 -9.05 -31.72 -5.40
C LEU B 78 -10.53 -32.08 -5.22
N GLN B 79 -11.36 -31.07 -4.98
CA GLN B 79 -12.80 -31.23 -4.82
C GLN B 79 -13.50 -31.10 -6.17
N PRO B 80 -14.65 -31.74 -6.35
CA PRO B 80 -15.32 -31.70 -7.66
C PRO B 80 -15.81 -30.31 -8.06
N GLU B 81 -15.73 -29.33 -7.18
CA GLU B 81 -16.17 -27.97 -7.46
C GLU B 81 -15.01 -27.04 -7.77
N ASP B 82 -13.88 -27.58 -8.21
CA ASP B 82 -12.70 -26.78 -8.55
C ASP B 82 -12.43 -26.78 -10.05
N PHE B 83 -13.39 -27.20 -10.87
CA PHE B 83 -13.24 -27.10 -12.30
C PHE B 83 -13.24 -25.63 -12.72
N GLY B 84 -12.72 -25.39 -13.92
CA GLY B 84 -12.63 -24.05 -14.47
C GLY B 84 -11.20 -23.70 -14.82
N SER B 85 -11.01 -22.44 -15.19
CA SER B 85 -9.71 -21.93 -15.59
C SER B 85 -9.12 -21.08 -14.48
N TYR B 86 -7.79 -21.09 -14.38
CA TYR B 86 -7.06 -20.37 -13.35
C TYR B 86 -6.09 -19.42 -14.02
N TYR B 87 -6.05 -18.17 -13.55
CA TYR B 87 -5.20 -17.14 -14.12
C TYR B 87 -4.24 -16.60 -13.07
N CYS B 88 -3.06 -16.16 -13.51
CA CYS B 88 -2.08 -15.54 -12.64
C CYS B 88 -1.81 -14.13 -13.14
N GLN B 89 -1.96 -13.15 -12.25
CA GLN B 89 -1.73 -11.75 -12.57
C GLN B 89 -0.71 -11.17 -11.59
N HIS B 90 0.16 -10.30 -12.09
CA HIS B 90 1.13 -9.61 -11.28
C HIS B 90 0.70 -8.16 -11.06
N PHE B 91 1.24 -7.56 -10.00
CA PHE B 91 0.89 -6.19 -9.64
C PHE B 91 2.14 -5.35 -9.33
N TRP B 92 3.30 -5.79 -9.82
CA TRP B 92 4.56 -5.09 -9.53
C TRP B 92 4.68 -3.81 -10.35
N SER B 93 4.58 -3.92 -11.67
CA SER B 93 4.80 -2.80 -12.57
C SER B 93 3.63 -2.66 -13.53
N THR B 94 3.30 -1.42 -13.88
CA THR B 94 2.30 -1.19 -14.90
C THR B 94 2.90 -1.45 -16.28
N PRO B 95 2.17 -2.14 -17.18
CA PRO B 95 0.82 -2.68 -16.99
C PRO B 95 0.81 -4.02 -16.27
N TYR B 96 -0.26 -4.27 -15.51
CA TYR B 96 -0.41 -5.50 -14.73
C TYR B 96 -0.90 -6.60 -15.66
N THR B 97 0.04 -7.32 -16.28
CA THR B 97 -0.30 -8.33 -17.26
C THR B 97 -0.97 -9.53 -16.59
N PHE B 98 -1.93 -10.12 -17.29
CA PHE B 98 -2.61 -11.32 -16.84
C PHE B 98 -1.85 -12.56 -17.33
N GLY B 99 -2.41 -13.74 -17.08
CA GLY B 99 -1.81 -14.99 -17.49
C GLY B 99 -2.61 -15.66 -18.59
N GLY B 100 -1.98 -16.68 -19.19
CA GLY B 100 -2.61 -17.39 -20.29
C GLY B 100 -3.85 -18.15 -19.87
N GLY B 101 -3.77 -18.87 -18.75
CA GLY B 101 -4.90 -19.65 -18.27
C GLY B 101 -4.61 -21.14 -18.24
N THR B 102 -5.40 -21.87 -17.46
CA THR B 102 -5.23 -23.32 -17.34
C THR B 102 -6.60 -23.95 -17.15
N LYS B 103 -7.06 -24.70 -18.15
CA LYS B 103 -8.35 -25.38 -18.06
C LYS B 103 -8.17 -26.62 -17.20
N LEU B 104 -8.82 -26.64 -16.04
CA LEU B 104 -8.76 -27.76 -15.11
C LEU B 104 -10.00 -28.61 -15.31
N GLU B 105 -9.83 -29.81 -15.85
CA GLU B 105 -10.92 -30.75 -16.04
C GLU B 105 -10.92 -31.76 -14.91
N ILE B 106 -12.09 -31.96 -14.29
CA ILE B 106 -12.25 -32.95 -13.23
C ILE B 106 -12.41 -34.31 -13.90
N LYS B 107 -11.36 -35.13 -13.88
CA LYS B 107 -11.42 -36.46 -14.47
C LYS B 107 -12.40 -37.34 -13.69
N ARG B 108 -13.21 -38.10 -14.41
CA ARG B 108 -14.28 -38.87 -13.80
C ARG B 108 -14.44 -40.18 -14.57
N ALA B 109 -15.09 -41.15 -13.92
CA ALA B 109 -15.38 -42.41 -14.57
C ALA B 109 -16.31 -42.20 -15.75
N ASP B 110 -15.98 -42.83 -16.88
CA ASP B 110 -16.72 -42.61 -18.11
C ASP B 110 -18.18 -43.04 -17.96
N ALA B 111 -19.09 -42.25 -18.53
CA ALA B 111 -20.52 -42.51 -18.47
C ALA B 111 -21.15 -42.28 -19.83
N ALA B 112 -22.10 -43.15 -20.18
CA ALA B 112 -22.79 -43.10 -21.45
C ALA B 112 -23.87 -42.02 -21.43
N PRO B 113 -24.17 -41.42 -22.58
CA PRO B 113 -25.08 -40.28 -22.61
C PRO B 113 -26.54 -40.72 -22.63
N THR B 114 -27.40 -39.79 -22.26
CA THR B 114 -28.84 -39.96 -22.41
C THR B 114 -29.30 -39.03 -23.54
N VAL B 115 -29.92 -39.60 -24.56
CA VAL B 115 -30.27 -38.89 -25.78
C VAL B 115 -31.77 -38.63 -25.78
N SER B 116 -32.14 -37.37 -26.00
CA SER B 116 -33.53 -36.97 -26.19
C SER B 116 -33.59 -36.04 -27.39
N ILE B 117 -34.49 -36.35 -28.33
CA ILE B 117 -34.63 -35.58 -29.57
C ILE B 117 -35.95 -34.82 -29.51
N PHE B 118 -35.93 -33.58 -29.99
CA PHE B 118 -37.07 -32.69 -29.92
C PHE B 118 -37.46 -32.19 -31.31
N PRO B 119 -38.70 -32.34 -31.75
CA PRO B 119 -39.05 -31.99 -33.11
C PRO B 119 -39.23 -30.49 -33.27
N PRO B 120 -39.15 -29.99 -34.50
CA PRO B 120 -39.29 -28.54 -34.70
C PRO B 120 -40.71 -28.06 -34.40
N SER B 121 -40.79 -26.85 -33.86
CA SER B 121 -42.08 -26.25 -33.54
C SER B 121 -42.77 -25.75 -34.81
N SER B 122 -44.09 -25.64 -34.73
CA SER B 122 -44.85 -25.16 -35.88
C SER B 122 -44.58 -23.69 -36.17
N GLU B 123 -44.36 -22.90 -35.12
CA GLU B 123 -44.08 -21.48 -35.31
C GLU B 123 -42.84 -21.28 -36.16
N GLN B 124 -41.78 -22.06 -35.91
CA GLN B 124 -40.59 -21.97 -36.74
C GLN B 124 -40.89 -22.39 -38.17
N LEU B 125 -41.67 -23.45 -38.35
CA LEU B 125 -42.00 -23.92 -39.69
C LEU B 125 -42.73 -22.86 -40.50
N THR B 126 -43.60 -22.09 -39.84
CA THR B 126 -44.27 -20.99 -40.52
C THR B 126 -43.28 -19.87 -40.87
N SER B 127 -42.22 -19.73 -40.08
CA SER B 127 -41.22 -18.69 -40.31
C SER B 127 -40.31 -19.00 -41.50
N GLY B 128 -40.40 -20.18 -42.08
CA GLY B 128 -39.60 -20.51 -43.25
C GLY B 128 -38.39 -21.37 -42.97
N GLY B 129 -38.21 -21.85 -41.75
CA GLY B 129 -37.10 -22.72 -41.43
C GLY B 129 -37.51 -23.74 -40.38
N ALA B 130 -36.62 -24.69 -40.16
CA ALA B 130 -36.89 -25.74 -39.17
C ALA B 130 -35.56 -26.18 -38.56
N SER B 131 -35.55 -26.27 -37.23
CA SER B 131 -34.37 -26.70 -36.49
C SER B 131 -34.77 -27.81 -35.53
N VAL B 132 -34.07 -28.94 -35.61
CA VAL B 132 -34.27 -30.07 -34.72
C VAL B 132 -33.15 -30.08 -33.70
N VAL B 133 -33.50 -30.17 -32.42
CA VAL B 133 -32.54 -30.09 -31.32
C VAL B 133 -32.50 -31.44 -30.61
N CYS B 134 -31.30 -31.91 -30.33
CA CYS B 134 -31.07 -33.16 -29.60
C CYS B 134 -30.22 -32.84 -28.37
N PHE B 135 -30.69 -33.25 -27.20
CA PHE B 135 -30.03 -32.95 -25.94
C PHE B 135 -29.36 -34.21 -25.41
N LEU B 136 -28.05 -34.16 -25.22
CA LEU B 136 -27.26 -35.22 -24.62
C LEU B 136 -26.80 -34.75 -23.24
N ASN B 137 -27.22 -35.45 -22.19
CA ASN B 137 -26.98 -35.02 -20.83
C ASN B 137 -26.27 -36.11 -20.05
N ASN B 138 -25.48 -35.69 -19.06
CA ASN B 138 -24.84 -36.58 -18.09
C ASN B 138 -23.99 -37.65 -18.78
N PHE B 139 -22.95 -37.18 -19.49
CA PHE B 139 -22.05 -38.08 -20.18
C PHE B 139 -20.61 -37.63 -19.96
N TYR B 140 -19.71 -38.61 -19.89
CA TYR B 140 -18.28 -38.39 -19.79
C TYR B 140 -17.59 -39.47 -20.61
N PRO B 141 -16.53 -39.13 -21.37
CA PRO B 141 -15.84 -37.83 -21.45
C PRO B 141 -16.55 -36.81 -22.30
N LYS B 142 -15.93 -35.63 -22.44
CA LYS B 142 -16.54 -34.55 -23.22
C LYS B 142 -16.55 -34.89 -24.70
N ASP B 143 -15.50 -35.54 -25.20
CA ASP B 143 -15.40 -35.85 -26.62
C ASP B 143 -16.49 -36.83 -27.03
N ILE B 144 -17.36 -36.38 -27.94
CA ILE B 144 -18.46 -37.19 -28.44
C ILE B 144 -18.68 -36.86 -29.90
N ASN B 145 -19.06 -37.87 -30.68
CA ASN B 145 -19.33 -37.72 -32.11
C ASN B 145 -20.83 -37.81 -32.33
N VAL B 146 -21.43 -36.69 -32.75
CA VAL B 146 -22.86 -36.61 -33.03
C VAL B 146 -23.04 -36.47 -34.52
N LYS B 147 -23.73 -37.44 -35.13
CA LYS B 147 -24.01 -37.43 -36.55
C LYS B 147 -25.52 -37.40 -36.75
N TRP B 148 -26.01 -36.39 -37.46
CA TRP B 148 -27.43 -36.26 -37.76
C TRP B 148 -27.73 -36.99 -39.06
N LYS B 149 -28.73 -37.86 -39.03
CA LYS B 149 -29.13 -38.66 -40.18
C LYS B 149 -30.55 -38.30 -40.58
N ILE B 150 -30.73 -37.95 -41.86
CA ILE B 150 -32.04 -37.59 -42.41
C ILE B 150 -32.40 -38.67 -43.43
N ASP B 151 -33.40 -39.49 -43.08
CA ASP B 151 -33.86 -40.59 -43.94
C ASP B 151 -32.70 -41.56 -44.25
N GLY B 152 -31.84 -41.78 -43.26
CA GLY B 152 -30.73 -42.71 -43.41
C GLY B 152 -29.49 -42.13 -44.06
N SER B 153 -29.40 -40.81 -44.20
CA SER B 153 -28.26 -40.17 -44.84
C SER B 153 -27.61 -39.21 -43.85
N GLU B 154 -26.28 -39.32 -43.72
CA GLU B 154 -25.54 -38.43 -42.84
C GLU B 154 -25.59 -37.00 -43.38
N ARG B 155 -25.96 -36.06 -42.52
CA ARG B 155 -26.10 -34.66 -42.90
C ARG B 155 -25.42 -33.78 -41.84
N GLN B 156 -24.09 -33.85 -41.81
CA GLN B 156 -23.28 -33.02 -40.93
C GLN B 156 -22.92 -31.68 -41.56
N ASN B 157 -23.64 -31.27 -42.61
CA ASN B 157 -23.29 -30.04 -43.31
C ASN B 157 -23.56 -28.80 -42.44
N GLY B 158 -24.69 -28.76 -41.75
CA GLY B 158 -25.02 -27.62 -40.92
C GLY B 158 -25.51 -28.01 -39.54
N VAL B 159 -24.63 -27.92 -38.54
CA VAL B 159 -24.98 -28.28 -37.18
C VAL B 159 -24.24 -27.35 -36.22
N LEU B 160 -24.90 -27.01 -35.11
CA LEU B 160 -24.34 -26.16 -34.08
C LEU B 160 -24.34 -26.92 -32.77
N ASN B 161 -23.15 -27.28 -32.29
CA ASN B 161 -22.98 -28.10 -31.09
C ASN B 161 -22.33 -27.26 -29.99
N SER B 162 -22.87 -27.36 -28.77
CA SER B 162 -22.36 -26.63 -27.63
C SER B 162 -22.28 -27.55 -26.42
N TRP B 163 -21.20 -27.42 -25.65
CA TRP B 163 -20.95 -28.27 -24.48
C TRP B 163 -21.05 -27.44 -23.21
N THR B 164 -21.87 -27.90 -22.26
CA THR B 164 -21.95 -27.23 -20.98
C THR B 164 -20.68 -27.47 -20.16
N ASP B 165 -20.51 -26.67 -19.12
CA ASP B 165 -19.42 -26.91 -18.18
C ASP B 165 -19.73 -28.15 -17.35
N GLN B 166 -18.67 -28.73 -16.78
CA GLN B 166 -18.83 -29.93 -15.97
C GLN B 166 -19.71 -29.62 -14.76
N ASP B 167 -20.64 -30.53 -14.48
CA ASP B 167 -21.53 -30.35 -13.35
C ASP B 167 -20.72 -30.23 -12.07
N SER B 168 -21.17 -29.35 -11.16
CA SER B 168 -20.40 -29.06 -9.95
C SER B 168 -20.22 -30.30 -9.08
N LYS B 169 -21.20 -31.20 -9.08
CA LYS B 169 -21.14 -32.41 -8.25
C LYS B 169 -20.80 -33.65 -9.05
N ASP B 170 -21.54 -33.93 -10.12
CA ASP B 170 -21.30 -35.15 -10.90
C ASP B 170 -20.02 -35.08 -11.74
N SER B 171 -19.54 -33.87 -12.03
CA SER B 171 -18.41 -33.68 -12.95
C SER B 171 -18.70 -34.27 -14.33
N THR B 172 -19.95 -34.16 -14.76
CA THR B 172 -20.40 -34.71 -16.03
C THR B 172 -20.65 -33.59 -17.03
N TYR B 173 -20.31 -33.84 -18.27
CA TYR B 173 -20.57 -32.90 -19.35
C TYR B 173 -21.99 -33.09 -19.89
N SER B 174 -22.45 -32.09 -20.63
CA SER B 174 -23.73 -32.16 -21.33
C SER B 174 -23.62 -31.31 -22.59
N MET B 175 -24.34 -31.73 -23.63
CA MET B 175 -24.17 -31.14 -24.96
C MET B 175 -25.52 -31.00 -25.64
N SER B 176 -25.62 -29.99 -26.51
CA SER B 176 -26.80 -29.75 -27.35
C SER B 176 -26.35 -29.65 -28.80
N SER B 177 -27.06 -30.35 -29.69
CA SER B 177 -26.76 -30.34 -31.10
C SER B 177 -28.03 -30.01 -31.87
N THR B 178 -27.97 -28.95 -32.68
CA THR B 178 -29.11 -28.46 -33.43
C THR B 178 -28.84 -28.58 -34.92
N LEU B 179 -29.80 -29.13 -35.66
CA LEU B 179 -29.72 -29.27 -37.11
C LEU B 179 -30.67 -28.26 -37.73
N THR B 180 -30.11 -27.24 -38.37
CA THR B 180 -30.90 -26.16 -38.97
C THR B 180 -31.03 -26.40 -40.47
N LEU B 181 -32.28 -26.48 -40.94
CA LEU B 181 -32.55 -26.74 -42.35
C LEU B 181 -33.76 -25.92 -42.79
N THR B 182 -33.90 -25.78 -44.11
CA THR B 182 -35.03 -25.05 -44.67
C THR B 182 -36.30 -25.89 -44.57
N LYS B 183 -37.44 -25.20 -44.56
CA LYS B 183 -38.73 -25.87 -44.42
C LYS B 183 -38.98 -26.82 -45.60
N ASP B 184 -38.51 -26.48 -46.79
CA ASP B 184 -38.69 -27.37 -47.94
C ASP B 184 -37.97 -28.70 -47.73
N GLU B 185 -36.80 -28.66 -47.07
CA GLU B 185 -36.09 -29.90 -46.79
C GLU B 185 -36.81 -30.73 -45.72
N TYR B 186 -37.43 -30.06 -44.75
CA TYR B 186 -38.12 -30.78 -43.68
C TYR B 186 -39.32 -31.56 -44.21
N GLU B 187 -40.04 -30.98 -45.17
CA GLU B 187 -41.18 -31.69 -45.73
C GLU B 187 -40.75 -32.83 -46.63
N ARG B 188 -39.58 -32.72 -47.27
CA ARG B 188 -39.16 -33.72 -48.24
C ARG B 188 -38.84 -35.05 -47.59
N HIS B 189 -38.16 -35.03 -46.45
CA HIS B 189 -37.74 -36.24 -45.75
C HIS B 189 -38.57 -36.41 -44.48
N ASN B 190 -38.95 -37.65 -44.20
CA ASN B 190 -39.88 -37.94 -43.11
C ASN B 190 -39.20 -38.55 -41.89
N SER B 191 -37.92 -38.94 -41.99
CA SER B 191 -37.22 -39.63 -40.90
C SER B 191 -36.03 -38.78 -40.47
N TYR B 192 -35.94 -38.52 -39.16
CA TYR B 192 -34.85 -37.74 -38.59
C TYR B 192 -34.36 -38.41 -37.33
N THR B 193 -33.04 -38.55 -37.20
CA THR B 193 -32.44 -39.34 -36.14
C THR B 193 -31.23 -38.62 -35.56
N CYS B 194 -31.03 -38.80 -34.26
CA CYS B 194 -29.89 -38.26 -33.54
C CYS B 194 -29.02 -39.41 -33.07
N GLU B 195 -27.75 -39.41 -33.48
CA GLU B 195 -26.81 -40.49 -33.19
C GLU B 195 -25.57 -39.94 -32.50
N ALA B 196 -25.24 -40.51 -31.35
CA ALA B 196 -24.09 -40.08 -30.55
C ALA B 196 -23.21 -41.29 -30.28
N THR B 197 -21.92 -41.16 -30.55
CA THR B 197 -20.99 -42.30 -30.50
C THR B 197 -19.83 -41.97 -29.57
N HIS B 198 -19.83 -42.57 -28.38
CA HIS B 198 -18.67 -42.61 -27.50
C HIS B 198 -18.90 -43.69 -26.45
N LYS B 199 -17.82 -44.05 -25.75
CA LYS B 199 -17.78 -45.20 -24.85
C LYS B 199 -18.07 -46.47 -25.66
N THR B 200 -19.24 -47.08 -25.49
CA THR B 200 -19.61 -48.24 -26.30
C THR B 200 -19.78 -47.83 -27.76
N SER B 201 -19.35 -48.70 -28.68
CA SER B 201 -19.36 -48.35 -30.10
C SER B 201 -20.78 -48.15 -30.62
N THR B 202 -21.72 -48.95 -30.14
CA THR B 202 -23.12 -48.75 -30.50
C THR B 202 -23.58 -47.36 -30.08
N SER B 203 -24.27 -46.66 -30.99
CA SER B 203 -24.59 -45.27 -30.78
C SER B 203 -25.97 -45.12 -30.17
N PRO B 204 -26.10 -44.59 -28.94
CA PRO B 204 -27.43 -44.23 -28.43
C PRO B 204 -28.16 -43.30 -29.37
N ILE B 205 -29.22 -43.79 -29.98
CA ILE B 205 -29.91 -43.07 -31.04
C ILE B 205 -31.35 -42.82 -30.64
N VAL B 206 -31.88 -41.68 -31.10
CA VAL B 206 -33.28 -41.32 -30.91
C VAL B 206 -33.77 -40.71 -32.22
N LYS B 207 -34.85 -41.27 -32.75
CA LYS B 207 -35.37 -40.91 -34.06
C LYS B 207 -36.77 -40.31 -33.93
N SER B 208 -37.27 -39.79 -35.06
CA SER B 208 -38.61 -39.22 -35.11
C SER B 208 -39.11 -39.30 -36.55
N PHE B 209 -40.41 -39.07 -36.72
CA PHE B 209 -41.04 -39.00 -38.03
C PHE B 209 -41.99 -37.82 -38.04
N ASN B 210 -42.28 -37.31 -39.25
CA ASN B 210 -43.19 -36.18 -39.38
C ASN B 210 -44.57 -36.51 -38.81
N ARG B 211 -45.01 -37.75 -38.98
CA ARG B 211 -46.30 -38.18 -38.45
C ARG B 211 -46.11 -38.98 -37.15
N GLU C 1 -1.72 -16.94 12.47
CA GLU C 1 -0.56 -17.35 11.69
C GLU C 1 0.44 -16.21 11.55
N VAL C 2 -0.08 -14.98 11.49
CA VAL C 2 0.77 -13.80 11.37
C VAL C 2 1.41 -13.53 12.73
N GLN C 3 2.74 -13.49 12.75
CA GLN C 3 3.50 -13.26 13.97
C GLN C 3 4.44 -12.09 13.77
N LEU C 4 4.55 -11.24 14.80
CA LEU C 4 5.46 -10.11 14.82
C LEU C 4 6.20 -10.11 16.14
N VAL C 5 7.50 -10.35 16.11
CA VAL C 5 8.33 -10.43 17.31
C VAL C 5 9.28 -9.24 17.32
N GLU C 6 9.34 -8.55 18.46
CA GLU C 6 10.24 -7.42 18.66
C GLU C 6 11.29 -7.78 19.68
N SER C 7 12.55 -7.49 19.36
CA SER C 7 13.66 -7.77 20.25
C SER C 7 14.61 -6.57 20.24
N GLY C 8 15.55 -6.57 21.19
CA GLY C 8 16.54 -5.53 21.28
C GLY C 8 16.16 -4.34 22.15
N GLY C 9 15.25 -4.53 23.10
CA GLY C 9 14.84 -3.46 24.01
C GLY C 9 15.42 -3.68 25.39
N GLY C 10 15.64 -2.58 26.11
CA GLY C 10 16.20 -2.65 27.45
C GLY C 10 16.45 -1.28 28.06
N LEU C 11 17.45 -1.19 28.94
CA LEU C 11 17.81 0.07 29.56
C LEU C 11 18.92 0.74 28.78
N VAL C 12 18.78 2.04 28.55
CA VAL C 12 19.75 2.81 27.77
C VAL C 12 19.98 4.14 28.47
N GLN C 13 21.25 4.48 28.72
CA GLN C 13 21.57 5.76 29.32
C GLN C 13 21.16 6.89 28.39
N PRO C 14 20.78 8.05 28.92
CA PRO C 14 20.38 9.17 28.07
C PRO C 14 21.48 9.56 27.10
N LYS C 15 21.06 10.07 25.93
CA LYS C 15 21.98 10.42 24.85
C LYS C 15 22.77 9.20 24.39
N GLY C 16 22.05 8.10 24.15
CA GLY C 16 22.66 6.85 23.74
C GLY C 16 22.07 6.34 22.44
N SER C 17 22.58 5.19 22.01
CA SER C 17 22.17 4.55 20.77
C SER C 17 21.46 3.24 21.06
N LEU C 18 20.46 2.92 20.24
CA LEU C 18 19.72 1.68 20.38
C LEU C 18 19.06 1.32 19.05
N LYS C 19 19.02 0.03 18.74
CA LYS C 19 18.43 -0.48 17.52
C LYS C 19 17.40 -1.54 17.87
N LEU C 20 16.20 -1.43 17.28
CA LEU C 20 15.12 -2.37 17.51
C LEU C 20 14.90 -3.22 16.27
N SER C 21 14.54 -4.48 16.49
CA SER C 21 14.35 -5.45 15.41
C SER C 21 12.97 -6.07 15.53
N CYS C 22 12.14 -5.88 14.51
CA CYS C 22 10.84 -6.52 14.39
C CYS C 22 10.95 -7.64 13.36
N ALA C 23 10.72 -8.88 13.79
CA ALA C 23 10.84 -10.04 12.92
C ALA C 23 9.45 -10.52 12.51
N ALA C 24 9.25 -10.68 11.21
CA ALA C 24 7.94 -11.02 10.65
C ALA C 24 7.91 -12.46 10.17
N SER C 25 6.73 -13.07 10.27
CA SER C 25 6.52 -14.45 9.82
C SER C 25 5.02 -14.68 9.68
N GLY C 26 4.61 -15.21 8.53
CA GLY C 26 3.20 -15.46 8.27
C GLY C 26 2.62 -14.69 7.09
N PHE C 27 3.39 -13.84 6.41
CA PHE C 27 2.88 -13.08 5.29
C PHE C 27 4.07 -12.56 4.48
N THR C 28 3.76 -11.98 3.32
CA THR C 28 4.78 -11.37 2.48
C THR C 28 5.17 -10.01 3.06
N PHE C 29 6.46 -9.81 3.29
CA PHE C 29 6.91 -8.62 4.01
C PHE C 29 7.03 -7.42 3.09
N ASN C 30 7.67 -7.60 1.93
CA ASN C 30 8.00 -6.47 1.06
C ASN C 30 6.75 -5.79 0.49
N THR C 31 5.60 -6.44 0.55
CA THR C 31 4.39 -5.90 -0.05
C THR C 31 3.63 -4.95 0.87
N TYR C 32 3.97 -4.89 2.15
CA TYR C 32 3.25 -4.08 3.11
C TYR C 32 4.11 -2.92 3.60
N ALA C 33 3.44 -1.83 3.99
CA ALA C 33 4.10 -0.71 4.65
C ALA C 33 4.16 -0.99 6.15
N MET C 34 5.32 -0.75 6.75
CA MET C 34 5.55 -1.07 8.15
C MET C 34 5.60 0.22 8.97
N ASN C 35 4.77 0.31 9.99
CA ASN C 35 4.78 1.42 10.93
C ASN C 35 5.39 0.97 12.25
N TRP C 36 5.81 1.95 13.04
CA TRP C 36 6.17 1.74 14.44
C TRP C 36 5.24 2.57 15.31
N VAL C 37 4.86 2.03 16.46
CA VAL C 37 4.02 2.74 17.42
C VAL C 37 4.57 2.49 18.81
N ARG C 38 4.76 3.55 19.58
CA ARG C 38 5.22 3.46 20.96
C ARG C 38 4.07 3.81 21.89
N GLN C 39 4.11 3.24 23.09
CA GLN C 39 3.11 3.51 24.12
C GLN C 39 3.83 3.88 25.40
N ALA C 40 3.59 5.11 25.87
CA ALA C 40 4.15 5.57 27.13
C ALA C 40 3.71 4.66 28.27
N PRO C 41 4.46 4.64 29.38
CA PRO C 41 4.10 3.72 30.48
C PRO C 41 2.66 3.85 30.96
N GLY C 42 2.18 5.07 31.13
CA GLY C 42 0.80 5.27 31.57
C GLY C 42 -0.05 6.00 30.56
N LYS C 43 0.59 6.81 29.71
CA LYS C 43 -0.14 7.60 28.73
C LYS C 43 -0.55 6.74 27.53
N GLY C 44 -1.27 7.35 26.60
CA GLY C 44 -1.77 6.63 25.45
C GLY C 44 -0.70 6.34 24.41
N LEU C 45 -1.12 5.63 23.36
CA LEU C 45 -0.22 5.27 22.28
C LEU C 45 -0.01 6.45 21.34
N GLU C 46 1.10 6.40 20.60
CA GLU C 46 1.39 7.43 19.60
C GLU C 46 2.25 6.86 18.49
N TRP C 47 1.90 7.20 17.25
CA TRP C 47 2.64 6.79 16.08
C TRP C 47 4.00 7.49 16.05
N VAL C 48 5.02 6.78 15.58
CA VAL C 48 6.39 7.28 15.59
C VAL C 48 7.03 7.22 14.21
N ALA C 49 6.80 6.16 13.44
CA ALA C 49 7.51 6.01 12.17
C ALA C 49 6.70 5.17 11.20
N ARG C 50 7.15 5.17 9.94
CA ARG C 50 6.51 4.42 8.87
C ARG C 50 7.48 4.32 7.69
N ILE C 51 7.62 3.12 7.12
CA ILE C 51 8.27 2.95 5.84
C ILE C 51 7.21 2.58 4.80
N ARG C 52 7.62 2.55 3.54
CA ARG C 52 6.75 2.14 2.44
C ARG C 52 7.44 1.05 1.64
N THR C 53 6.69 0.48 0.70
CA THR C 53 7.19 -0.61 -0.11
C THR C 53 8.27 -0.11 -1.08
N LYS C 54 8.99 -1.05 -1.69
CA LYS C 54 10.00 -0.69 -2.66
C LYS C 54 9.39 -0.04 -3.90
N THR C 55 8.14 -0.39 -4.22
CA THR C 55 7.44 0.28 -5.32
C THR C 55 7.23 1.75 -5.02
N ASN C 56 7.03 2.11 -3.75
CA ASN C 56 6.94 3.49 -3.32
C ASN C 56 8.29 4.06 -2.90
N ASN C 57 9.38 3.34 -3.17
CA ASN C 57 10.74 3.84 -3.02
C ASN C 57 11.11 4.09 -1.56
N TYR C 58 10.68 3.19 -0.67
CA TYR C 58 11.09 3.18 0.74
C TYR C 58 10.86 4.53 1.41
N VAL C 59 9.67 5.07 1.22
CA VAL C 59 9.31 6.37 1.78
C VAL C 59 9.23 6.24 3.30
N THR C 60 10.11 6.94 4.01
CA THR C 60 10.14 6.90 5.47
C THR C 60 9.54 8.19 6.02
N TYR C 61 8.58 8.05 6.92
CA TYR C 61 7.95 9.17 7.59
C TYR C 61 8.24 9.09 9.08
N TYR C 62 8.58 10.23 9.68
CA TYR C 62 8.90 10.30 11.09
C TYR C 62 8.01 11.31 11.78
N ALA C 63 7.83 11.12 13.09
CA ALA C 63 7.05 12.04 13.89
C ALA C 63 7.89 13.26 14.26
N ASP C 64 7.19 14.31 14.73
CA ASP C 64 7.86 15.57 15.02
C ASP C 64 8.88 15.42 16.15
N SER C 65 8.54 14.66 17.19
CA SER C 65 9.41 14.56 18.36
C SER C 65 10.73 13.88 18.01
N VAL C 66 10.69 12.82 17.22
CA VAL C 66 11.89 12.07 16.87
C VAL C 66 12.23 12.35 15.41
N LYS C 67 11.86 13.53 14.91
CA LYS C 67 12.12 13.89 13.52
C LYS C 67 13.60 13.81 13.19
N ASP C 68 14.45 14.29 14.10
CA ASP C 68 15.89 14.33 13.87
C ASP C 68 16.55 13.01 14.24
N ARG C 69 16.09 12.39 15.33
CA ARG C 69 16.82 11.36 16.06
C ARG C 69 16.60 9.96 15.50
N PHE C 70 15.35 9.60 15.24
CA PHE C 70 15.04 8.22 14.88
C PHE C 70 15.26 7.95 13.40
N THR C 71 15.72 6.75 13.10
CA THR C 71 16.02 6.33 11.73
C THR C 71 15.44 4.94 11.51
N ILE C 72 14.47 4.84 10.61
CA ILE C 72 13.79 3.58 10.31
C ILE C 72 14.38 2.98 9.04
N SER C 73 14.40 1.66 8.98
CA SER C 73 14.96 0.93 7.84
C SER C 73 14.35 -0.47 7.79
N ARG C 74 14.63 -1.17 6.70
CA ARG C 74 14.08 -2.51 6.50
C ARG C 74 15.06 -3.34 5.69
N ASP C 75 15.00 -4.65 5.88
CA ASP C 75 15.78 -5.63 5.11
C ASP C 75 14.81 -6.69 4.62
N ASP C 76 14.19 -6.44 3.46
CA ASP C 76 13.16 -7.34 2.96
C ASP C 76 13.71 -8.73 2.68
N SER C 77 15.01 -8.85 2.43
CA SER C 77 15.59 -10.16 2.13
C SER C 77 15.39 -11.13 3.29
N GLN C 78 15.60 -10.67 4.51
CA GLN C 78 15.37 -11.48 5.71
C GLN C 78 14.02 -11.21 6.34
N SER C 79 13.21 -10.33 5.75
CA SER C 79 11.89 -9.97 6.27
C SER C 79 12.01 -9.43 7.71
N MET C 80 12.80 -8.38 7.85
CA MET C 80 13.04 -7.75 9.15
C MET C 80 12.80 -6.25 9.08
N LEU C 81 12.35 -5.70 10.20
CA LEU C 81 12.08 -4.28 10.34
C LEU C 81 12.97 -3.71 11.45
N TYR C 82 13.64 -2.60 11.15
CA TYR C 82 14.56 -1.97 12.08
C TYR C 82 14.13 -0.54 12.38
N LEU C 83 14.32 -0.13 13.63
CA LEU C 83 14.10 1.25 14.06
C LEU C 83 15.29 1.66 14.93
N GLN C 84 16.11 2.57 14.42
CA GLN C 84 17.32 3.01 15.10
C GLN C 84 17.00 4.30 15.85
N MET C 85 17.04 4.23 17.18
CA MET C 85 16.78 5.38 18.03
C MET C 85 18.11 5.99 18.48
N ASN C 86 18.27 7.28 18.25
CA ASN C 86 19.49 8.00 18.60
C ASN C 86 19.14 9.21 19.45
N ASN C 87 20.15 9.75 20.12
CA ASN C 87 20.00 10.91 21.00
C ASN C 87 18.83 10.70 21.98
N LEU C 88 18.81 9.54 22.60
CA LEU C 88 17.71 9.15 23.47
C LEU C 88 17.57 10.10 24.64
N LYS C 89 16.41 10.73 24.76
CA LYS C 89 16.07 11.59 25.88
C LYS C 89 15.32 10.80 26.94
N THR C 90 15.34 11.31 28.16
CA THR C 90 14.70 10.62 29.28
C THR C 90 13.20 10.43 29.08
N GLU C 91 12.58 11.25 28.23
CA GLU C 91 11.15 11.13 27.96
C GLU C 91 10.82 10.07 26.92
N ASP C 92 11.83 9.45 26.30
CA ASP C 92 11.60 8.43 25.28
C ASP C 92 11.40 7.04 25.86
N THR C 93 11.26 6.92 27.18
CA THR C 93 11.05 5.61 27.81
C THR C 93 9.60 5.18 27.59
N ALA C 94 9.42 4.10 26.85
CA ALA C 94 8.08 3.60 26.53
C ALA C 94 8.21 2.21 25.94
N MET C 95 7.07 1.55 25.77
CA MET C 95 7.01 0.27 25.08
C MET C 95 6.71 0.52 23.61
N TYR C 96 7.45 -0.15 22.72
CA TYR C 96 7.39 0.13 21.29
C TYR C 96 6.83 -1.09 20.56
N TYR C 97 5.81 -0.85 19.75
CA TYR C 97 5.16 -1.90 18.96
C TYR C 97 5.44 -1.67 17.49
N CYS C 98 5.81 -2.74 16.79
CA CYS C 98 5.87 -2.70 15.33
C CYS C 98 4.54 -3.17 14.76
N VAL C 99 3.94 -2.36 13.91
CA VAL C 99 2.60 -2.62 13.40
C VAL C 99 2.63 -2.54 11.88
N ARG C 100 1.70 -3.25 11.25
CA ARG C 100 1.66 -3.42 9.80
C ARG C 100 0.59 -2.51 9.20
N HIS C 101 1.00 -1.66 8.27
CA HIS C 101 0.08 -0.80 7.52
C HIS C 101 -0.81 0.06 8.41
N VAL C 102 -2.12 -0.18 8.34
CA VAL C 102 -3.10 0.57 9.12
C VAL C 102 -3.42 -0.09 10.47
N GLY C 103 -2.69 -1.13 10.85
CA GLY C 103 -2.96 -1.76 12.13
C GLY C 103 -3.65 -3.09 12.01
N ASP C 104 -3.40 -3.81 10.90
CA ASP C 104 -3.96 -5.16 10.76
C ASP C 104 -3.47 -6.08 11.87
N TYR C 105 -2.18 -6.08 12.14
CA TYR C 105 -1.59 -6.97 13.11
C TYR C 105 -0.53 -6.22 13.90
N TRP C 106 -0.66 -6.22 15.22
CA TRP C 106 0.29 -5.58 16.09
C TRP C 106 1.30 -6.60 16.60
N GLY C 107 2.30 -6.10 17.32
CA GLY C 107 3.32 -6.94 17.90
C GLY C 107 3.18 -7.00 19.42
N GLN C 108 3.86 -8.00 19.99
CA GLN C 108 3.92 -8.15 21.44
C GLN C 108 4.55 -6.94 22.11
N GLY C 109 5.37 -6.19 21.38
CA GLY C 109 5.99 -4.99 21.92
C GLY C 109 7.26 -5.28 22.69
N THR C 110 8.14 -4.28 22.70
CA THR C 110 9.36 -4.34 23.48
C THR C 110 9.50 -3.04 24.25
N SER C 111 9.86 -3.14 25.52
CA SER C 111 9.92 -1.97 26.39
C SER C 111 11.32 -1.38 26.38
N VAL C 112 11.39 -0.05 26.32
CA VAL C 112 12.64 0.69 26.35
C VAL C 112 12.57 1.69 27.49
N THR C 113 13.60 1.70 28.34
CA THR C 113 13.66 2.58 29.50
C THR C 113 14.93 3.44 29.40
N VAL C 114 14.74 4.74 29.27
CA VAL C 114 15.86 5.69 29.19
C VAL C 114 16.07 6.24 30.60
N SER C 115 17.10 5.74 31.28
CA SER C 115 17.41 6.17 32.63
C SER C 115 18.92 6.08 32.85
N SER C 116 19.39 6.84 33.82
CA SER C 116 20.81 6.84 34.18
C SER C 116 21.14 5.81 35.25
N ALA C 117 20.15 5.21 35.89
CA ALA C 117 20.38 4.23 36.94
C ALA C 117 20.82 2.90 36.35
N SER C 118 21.21 1.99 37.24
CA SER C 118 21.67 0.66 36.88
C SER C 118 20.57 -0.37 37.11
N ILE C 119 20.83 -1.59 36.69
CA ILE C 119 19.85 -2.66 36.75
C ILE C 119 19.92 -3.34 38.12
N ARG C 120 18.78 -3.41 38.80
CA ARG C 120 18.66 -4.11 40.07
C ARG C 120 17.86 -5.39 39.81
N ASN C 121 18.52 -6.53 39.92
CA ASN C 121 17.87 -7.80 39.65
C ASN C 121 16.68 -7.98 40.60
N PRO C 122 15.57 -8.56 40.13
CA PRO C 122 14.39 -8.68 40.97
C PRO C 122 14.65 -9.59 42.17
N GLN C 123 14.15 -9.15 43.33
CA GLN C 123 14.19 -9.94 44.56
C GLN C 123 12.85 -10.64 44.71
N LEU C 124 12.87 -11.98 44.71
CA LEU C 124 11.65 -12.77 44.76
C LEU C 124 11.45 -13.34 46.16
N TYR C 125 10.26 -13.15 46.70
CA TYR C 125 9.90 -13.62 48.03
C TYR C 125 8.52 -14.30 47.95
N PRO C 126 8.40 -15.53 48.45
CA PRO C 126 7.09 -16.20 48.43
C PRO C 126 6.13 -15.58 49.43
N LEU C 127 4.83 -15.70 49.12
CA LEU C 127 3.77 -15.15 49.96
C LEU C 127 2.74 -16.25 50.22
N LYS C 128 2.88 -16.93 51.37
CA LYS C 128 2.01 -18.01 51.79
C LYS C 128 1.19 -17.59 53.00
N PRO C 129 -0.04 -18.10 53.14
CA PRO C 129 -0.89 -17.71 54.27
C PRO C 129 -0.45 -18.34 55.57
N CYS C 130 -0.99 -17.82 56.66
CA CYS C 130 -0.72 -18.37 57.98
C CYS C 130 -1.29 -19.78 58.10
N LYS C 131 -0.65 -20.59 58.95
CA LYS C 131 -1.08 -21.97 59.12
C LYS C 131 -2.51 -22.05 59.63
N GLY C 132 -2.88 -21.17 60.55
CA GLY C 132 -4.23 -21.17 61.07
C GLY C 132 -5.24 -20.57 60.12
N THR C 133 -4.77 -19.70 59.22
CA THR C 133 -5.69 -19.04 58.28
C THR C 133 -6.42 -20.06 57.42
N ALA C 134 -5.69 -21.00 56.83
CA ALA C 134 -6.25 -22.12 56.08
C ALA C 134 -7.17 -21.63 54.95
N SER C 135 -6.67 -20.67 54.17
CA SER C 135 -7.36 -20.14 53.01
C SER C 135 -6.71 -20.65 51.75
N MET C 136 -7.53 -21.04 50.76
CA MET C 136 -7.04 -21.63 49.52
C MET C 136 -6.59 -20.52 48.58
N THR C 137 -5.47 -19.89 48.95
CA THR C 137 -4.88 -18.83 48.15
C THR C 137 -3.39 -18.74 48.46
N LEU C 138 -2.63 -18.30 47.46
CA LEU C 138 -1.18 -18.15 47.61
C LEU C 138 -0.71 -17.04 46.67
N GLY C 139 0.58 -16.74 46.73
CA GLY C 139 1.14 -15.69 45.90
C GLY C 139 2.64 -15.63 45.97
N CYS C 140 3.21 -14.92 45.00
CA CYS C 140 4.64 -14.65 44.94
C CYS C 140 4.85 -13.13 44.86
N LEU C 141 5.92 -12.66 45.51
CA LEU C 141 6.24 -11.24 45.53
C LEU C 141 7.52 -10.99 44.75
N VAL C 142 7.55 -9.86 44.03
CA VAL C 142 8.71 -9.45 43.26
C VAL C 142 8.97 -7.99 43.61
N LYS C 143 9.99 -7.74 44.42
CA LYS C 143 10.32 -6.40 44.88
C LYS C 143 11.71 -6.01 44.42
N ASP C 144 11.96 -4.70 44.44
CA ASP C 144 13.28 -4.12 44.11
C ASP C 144 13.75 -4.57 42.73
N TYR C 145 12.89 -4.41 41.74
CA TYR C 145 13.21 -4.80 40.37
C TYR C 145 13.07 -3.59 39.45
N PHE C 146 14.12 -3.32 38.68
CA PHE C 146 14.28 -2.21 37.78
C PHE C 146 15.14 -2.65 36.61
N PRO C 147 14.73 -2.39 35.36
CA PRO C 147 13.44 -1.80 35.00
C PRO C 147 12.41 -2.84 34.58
N GLY C 148 11.16 -2.43 34.37
CA GLY C 148 10.12 -3.33 33.98
C GLY C 148 10.30 -3.86 32.57
N PRO C 149 9.58 -4.94 32.22
CA PRO C 149 8.63 -5.62 33.11
C PRO C 149 9.22 -6.90 33.70
N VAL C 150 8.42 -7.58 34.52
CA VAL C 150 8.78 -8.87 35.09
C VAL C 150 7.81 -9.91 34.54
N THR C 151 8.33 -11.05 34.12
CA THR C 151 7.54 -12.11 33.49
C THR C 151 7.22 -13.15 34.55
N VAL C 152 6.14 -12.92 35.30
CA VAL C 152 5.70 -13.83 36.35
C VAL C 152 4.71 -14.80 35.75
N THR C 153 5.12 -16.05 35.58
CA THR C 153 4.27 -17.12 35.07
C THR C 153 4.23 -18.27 36.07
N TRP C 154 3.08 -18.92 36.15
CA TRP C 154 2.85 -20.01 37.10
C TRP C 154 2.74 -21.33 36.36
N TYR C 155 3.46 -22.34 36.85
CA TYR C 155 3.42 -23.69 36.31
C TYR C 155 3.08 -24.64 37.45
N SER C 156 1.82 -25.04 37.54
CA SER C 156 1.32 -25.91 38.60
C SER C 156 0.73 -27.18 37.98
N ASP C 157 1.19 -28.33 38.48
CA ASP C 157 0.65 -29.60 38.00
C ASP C 157 -0.82 -29.76 38.37
N SER C 158 -1.24 -29.19 39.49
CA SER C 158 -2.64 -29.27 39.90
C SER C 158 -3.52 -28.50 38.92
N LEU C 159 -4.70 -29.06 38.65
CA LEU C 159 -5.63 -28.45 37.70
C LEU C 159 -6.48 -27.39 38.39
N ASN C 160 -7.15 -26.58 37.57
CA ASN C 160 -8.06 -25.53 38.03
C ASN C 160 -7.35 -24.52 38.93
N MET C 161 -6.30 -23.93 38.38
CA MET C 161 -5.52 -22.90 39.05
C MET C 161 -5.73 -21.57 38.31
N SER C 162 -6.35 -20.61 38.99
CA SER C 162 -6.63 -19.30 38.42
C SER C 162 -5.61 -18.30 38.96
N THR C 163 -4.77 -17.77 38.08
CA THR C 163 -3.73 -16.81 38.43
C THR C 163 -4.09 -15.43 37.91
N VAL C 164 -3.87 -14.42 38.75
CA VAL C 164 -4.14 -13.03 38.42
C VAL C 164 -2.89 -12.22 38.74
N ASN C 165 -2.24 -11.68 37.71
CA ASN C 165 -1.04 -10.88 37.90
C ASN C 165 -1.39 -9.41 38.00
N PHE C 166 -0.76 -8.71 38.96
CA PHE C 166 -1.07 -7.32 39.24
C PHE C 166 -0.11 -6.39 38.51
N PRO C 167 -0.57 -5.18 38.20
CA PRO C 167 0.30 -4.24 37.49
C PRO C 167 1.52 -3.85 38.32
N ALA C 168 2.61 -3.57 37.63
CA ALA C 168 3.79 -3.02 38.28
C ALA C 168 3.53 -1.59 38.71
N LEU C 169 4.21 -1.18 39.78
CA LEU C 169 4.02 0.14 40.36
C LEU C 169 5.37 0.76 40.68
N GLY C 170 5.50 2.05 40.40
CA GLY C 170 6.65 2.82 40.80
C GLY C 170 7.69 2.95 39.71
N SER C 171 8.45 4.04 39.80
CA SER C 171 9.60 4.29 38.94
C SER C 171 10.86 4.25 39.80
N GLU C 172 12.01 4.04 39.14
CA GLU C 172 13.30 3.83 39.79
C GLU C 172 13.29 2.56 40.63
N LEU C 173 12.29 2.41 41.50
CA LEU C 173 12.07 1.19 42.25
C LEU C 173 10.66 0.70 41.97
N LYS C 174 10.56 -0.54 41.47
CA LYS C 174 9.27 -1.10 41.09
C LYS C 174 9.07 -2.45 41.78
N VAL C 175 7.81 -2.73 42.11
CA VAL C 175 7.40 -3.98 42.74
C VAL C 175 6.19 -4.53 42.00
N THR C 176 5.98 -5.83 42.14
CA THR C 176 4.82 -6.48 41.55
C THR C 176 4.57 -7.79 42.29
N THR C 177 3.30 -8.17 42.37
CA THR C 177 2.87 -9.39 43.01
C THR C 177 1.92 -10.15 42.08
N SER C 178 1.58 -11.37 42.48
CA SER C 178 0.71 -12.21 41.67
C SER C 178 0.02 -13.23 42.57
N GLN C 179 -1.30 -13.32 42.46
CA GLN C 179 -2.09 -14.25 43.26
C GLN C 179 -2.48 -15.47 42.43
N VAL C 180 -2.75 -16.57 43.13
CA VAL C 180 -3.23 -17.80 42.52
C VAL C 180 -4.30 -18.38 43.44
N THR C 181 -5.28 -19.05 42.83
CA THR C 181 -6.46 -19.54 43.53
C THR C 181 -6.58 -21.04 43.36
N SER C 182 -6.68 -21.75 44.48
CA SER C 182 -6.87 -23.19 44.45
C SER C 182 -8.34 -23.53 44.19
N TRP C 183 -8.57 -24.58 43.42
CA TRP C 183 -9.92 -25.00 43.08
C TRP C 183 -9.99 -26.49 42.79
N PHE C 190 2.91 -26.08 42.83
CA PHE C 190 2.75 -24.68 42.50
C PHE C 190 4.08 -23.94 42.55
N THR C 191 4.58 -23.54 41.38
CA THR C 191 5.86 -22.86 41.27
C THR C 191 5.70 -21.66 40.35
N CYS C 192 6.20 -20.51 40.79
CA CYS C 192 6.17 -19.28 40.01
C CYS C 192 7.56 -18.98 39.46
N HIS C 193 7.64 -18.77 38.15
CA HIS C 193 8.90 -18.50 37.46
C HIS C 193 8.89 -17.06 36.96
N VAL C 194 9.89 -16.28 37.37
CA VAL C 194 10.01 -14.90 36.96
C VAL C 194 11.06 -14.80 35.87
N THR C 195 11.03 -13.71 35.11
CA THR C 195 12.01 -13.46 34.08
C THR C 195 12.20 -11.95 33.92
N HIS C 196 13.47 -11.55 33.81
CA HIS C 196 13.84 -10.15 33.73
C HIS C 196 14.70 -9.96 32.48
N PRO C 197 14.66 -8.79 31.85
CA PRO C 197 15.28 -8.62 30.52
C PRO C 197 16.74 -9.05 30.46
N PRO C 198 17.61 -8.60 31.41
CA PRO C 198 19.05 -8.91 31.23
C PRO C 198 19.40 -10.35 31.62
N SER C 199 18.81 -11.30 30.89
CA SER C 199 19.14 -12.72 31.02
C SER C 199 19.02 -13.20 32.46
N PHE C 200 17.93 -12.79 33.12
CA PHE C 200 17.67 -13.14 34.50
C PHE C 200 16.48 -14.09 34.57
N ASN C 201 16.70 -15.30 35.08
CA ASN C 201 15.66 -16.30 35.25
C ASN C 201 15.69 -16.82 36.68
N GLU C 202 14.51 -16.99 37.26
CA GLU C 202 14.41 -17.45 38.65
C GLU C 202 13.06 -18.12 38.85
N SER C 203 13.06 -19.23 39.60
CA SER C 203 11.84 -19.97 39.91
C SER C 203 11.84 -20.34 41.40
N ARG C 204 10.69 -20.17 42.03
CA ARG C 204 10.53 -20.48 43.45
C ARG C 204 9.33 -21.40 43.63
N THR C 205 9.53 -22.49 44.36
CA THR C 205 8.50 -23.50 44.58
C THR C 205 7.81 -23.23 45.90
N ILE C 206 6.48 -23.25 45.89
CA ILE C 206 5.67 -23.00 47.07
C ILE C 206 4.77 -24.21 47.31
N LEU C 207 4.68 -24.64 48.56
CA LEU C 207 3.86 -25.78 48.93
C LEU C 207 2.37 -25.43 48.91
N ILE D 2 -3.12 17.53 11.04
CA ILE D 2 -4.44 17.28 11.62
C ILE D 2 -4.32 16.38 12.86
N GLN D 3 -4.61 16.96 14.02
CA GLN D 3 -4.65 16.22 15.27
C GLN D 3 -6.08 15.81 15.58
N MET D 4 -6.21 14.83 16.48
CA MET D 4 -7.49 14.23 16.81
C MET D 4 -7.78 14.35 18.30
N THR D 5 -9.01 14.77 18.62
CA THR D 5 -9.53 14.76 19.98
C THR D 5 -10.70 13.77 20.06
N GLN D 6 -10.85 13.15 21.22
CA GLN D 6 -11.74 12.01 21.38
C GLN D 6 -12.60 12.19 22.63
N SER D 7 -13.90 11.98 22.49
CA SER D 7 -14.85 12.11 23.59
C SER D 7 -15.75 10.89 23.65
N PRO D 8 -16.15 10.45 24.85
CA PRO D 8 -15.68 10.96 26.15
C PRO D 8 -14.38 10.30 26.58
N ALA D 9 -13.76 10.82 27.65
CA ALA D 9 -12.52 10.25 28.16
C ALA D 9 -12.74 8.99 28.97
N SER D 10 -13.93 8.80 29.53
CA SER D 10 -14.25 7.59 30.27
C SER D 10 -15.73 7.28 30.08
N LEU D 11 -16.05 6.00 29.95
CA LEU D 11 -17.42 5.56 29.76
C LEU D 11 -17.68 4.33 30.61
N SER D 12 -18.91 4.22 31.11
CA SER D 12 -19.32 3.08 31.93
C SER D 12 -20.75 2.70 31.56
N ALA D 13 -20.96 1.42 31.25
CA ALA D 13 -22.28 0.92 30.89
C ALA D 13 -22.36 -0.56 31.22
N SER D 14 -23.59 -1.04 31.38
CA SER D 14 -23.84 -2.41 31.75
C SER D 14 -24.00 -3.29 30.50
N VAL D 15 -24.14 -4.59 30.72
CA VAL D 15 -24.28 -5.54 29.62
C VAL D 15 -25.60 -5.31 28.90
N GLY D 16 -25.54 -5.24 27.57
CA GLY D 16 -26.71 -4.98 26.76
C GLY D 16 -26.97 -3.54 26.44
N GLU D 17 -26.26 -2.60 27.09
CA GLU D 17 -26.42 -1.18 26.83
C GLU D 17 -25.45 -0.74 25.75
N THR D 18 -25.94 0.02 24.77
CA THR D 18 -25.11 0.48 23.68
C THR D 18 -24.34 1.74 24.07
N VAL D 19 -23.08 1.80 23.65
CA VAL D 19 -22.22 2.95 23.89
C VAL D 19 -21.85 3.56 22.55
N THR D 20 -21.42 4.82 22.61
CA THR D 20 -21.03 5.58 21.41
C THR D 20 -19.83 6.45 21.76
N ILE D 21 -18.68 6.13 21.17
CA ILE D 21 -17.47 6.92 21.34
C ILE D 21 -17.24 7.72 20.07
N THR D 22 -17.30 9.04 20.18
CA THR D 22 -17.05 9.91 19.04
C THR D 22 -15.57 10.29 18.97
N CYS D 23 -15.12 10.58 17.75
CA CYS D 23 -13.75 11.00 17.50
C CYS D 23 -13.78 12.13 16.50
N ARG D 24 -13.37 13.32 16.93
CA ARG D 24 -13.31 14.49 16.07
C ARG D 24 -11.89 14.69 15.55
N ALA D 25 -11.80 15.24 14.35
CA ALA D 25 -10.52 15.47 13.69
C ALA D 25 -10.31 16.97 13.49
N SER D 26 -9.04 17.37 13.41
CA SER D 26 -8.73 18.77 13.16
C SER D 26 -9.21 19.20 11.79
N GLY D 27 -9.00 18.37 10.78
CA GLY D 27 -9.49 18.66 9.44
C GLY D 27 -10.20 17.48 8.82
N ASN D 28 -10.38 17.50 7.50
CA ASN D 28 -11.04 16.40 6.81
C ASN D 28 -10.02 15.31 6.53
N ILE D 29 -10.28 14.11 7.06
CA ILE D 29 -9.40 12.96 6.87
C ILE D 29 -9.97 11.94 5.89
N HIS D 30 -11.18 12.17 5.37
CA HIS D 30 -11.74 11.39 4.27
C HIS D 30 -11.86 9.91 4.61
N ASN D 31 -12.49 9.62 5.74
CA ASN D 31 -12.87 8.27 6.14
C ASN D 31 -11.67 7.35 6.39
N TYR D 32 -10.48 7.90 6.58
CA TYR D 32 -9.29 7.10 6.85
C TYR D 32 -9.10 6.78 8.32
N LEU D 33 -10.18 6.82 9.11
CA LEU D 33 -10.07 6.54 10.53
C LEU D 33 -9.93 5.05 10.78
N ALA D 34 -9.58 4.71 12.02
CA ALA D 34 -9.46 3.32 12.43
C ALA D 34 -9.61 3.26 13.95
N TRP D 35 -10.24 2.19 14.44
CA TRP D 35 -10.52 2.02 15.86
C TRP D 35 -9.78 0.79 16.36
N PHE D 36 -9.13 0.93 17.52
CA PHE D 36 -8.40 -0.17 18.15
C PHE D 36 -8.87 -0.35 19.59
N GLN D 37 -8.70 -1.56 20.10
CA GLN D 37 -9.02 -1.91 21.48
C GLN D 37 -7.75 -2.42 22.13
N GLN D 38 -7.23 -1.67 23.09
CA GLN D 38 -6.07 -2.09 23.88
C GLN D 38 -6.56 -2.43 25.28
N LYS D 39 -6.56 -3.72 25.59
CA LYS D 39 -6.78 -4.14 26.97
C LYS D 39 -5.47 -4.01 27.74
N GLN D 40 -5.59 -3.61 29.01
CA GLN D 40 -4.41 -3.35 29.82
C GLN D 40 -3.52 -4.57 29.91
N GLY D 41 -2.22 -4.36 29.75
CA GLY D 41 -1.27 -5.47 29.71
C GLY D 41 -1.42 -6.33 28.47
N LYS D 42 -1.65 -5.73 27.31
CA LYS D 42 -1.83 -6.48 26.08
C LYS D 42 -1.61 -5.55 24.90
N SER D 43 -1.38 -6.16 23.73
CA SER D 43 -1.20 -5.43 22.49
C SER D 43 -2.54 -5.10 21.86
N PRO D 44 -2.63 -3.98 21.13
CA PRO D 44 -3.91 -3.59 20.54
C PRO D 44 -4.37 -4.55 19.46
N GLN D 45 -5.68 -4.56 19.24
CA GLN D 45 -6.29 -5.33 18.17
C GLN D 45 -7.15 -4.40 17.34
N LEU D 46 -7.24 -4.69 16.05
CA LEU D 46 -7.98 -3.83 15.13
C LEU D 46 -9.47 -4.13 15.22
N LEU D 47 -10.27 -3.08 15.34
CA LEU D 47 -11.72 -3.21 15.42
C LEU D 47 -12.40 -2.82 14.11
N VAL D 48 -12.17 -1.60 13.65
CA VAL D 48 -12.81 -1.06 12.45
C VAL D 48 -11.77 -0.27 11.67
N TYR D 49 -11.68 -0.53 10.37
CA TYR D 49 -10.87 0.29 9.48
C TYR D 49 -11.76 1.00 8.48
N ASN D 50 -11.21 2.07 7.89
CA ASN D 50 -11.96 3.01 7.04
C ASN D 50 -13.05 3.62 7.90
N ALA D 51 -14.32 3.55 7.51
CA ALA D 51 -15.41 4.11 8.30
C ALA D 51 -16.24 3.02 8.97
N LYS D 52 -16.77 2.06 8.21
CA LYS D 52 -17.62 1.01 8.77
C LYS D 52 -17.14 -0.38 8.40
N THR D 53 -15.95 -0.51 7.82
CA THR D 53 -15.43 -1.81 7.38
C THR D 53 -15.00 -2.62 8.60
N LEU D 54 -15.81 -3.61 8.96
CA LEU D 54 -15.50 -4.45 10.11
C LEU D 54 -14.31 -5.35 9.79
N ALA D 55 -13.34 -5.39 10.71
CA ALA D 55 -12.15 -6.20 10.51
C ALA D 55 -12.46 -7.68 10.72
N ASP D 56 -11.49 -8.52 10.41
CA ASP D 56 -11.68 -9.96 10.52
C ASP D 56 -11.71 -10.38 11.98
N GLY D 57 -12.66 -11.26 12.31
CA GLY D 57 -12.82 -11.74 13.66
C GLY D 57 -13.54 -10.80 14.60
N VAL D 58 -13.94 -9.61 14.12
CA VAL D 58 -14.64 -8.64 14.96
C VAL D 58 -16.14 -8.94 14.93
N PRO D 59 -16.79 -9.08 16.08
CA PRO D 59 -18.23 -9.37 16.09
C PRO D 59 -19.04 -8.25 15.44
N SER D 60 -20.24 -8.61 15.00
CA SER D 60 -21.12 -7.67 14.30
C SER D 60 -21.73 -6.63 15.23
N ARG D 61 -21.53 -6.74 16.55
CA ARG D 61 -22.05 -5.73 17.45
C ARG D 61 -21.29 -4.41 17.35
N PHE D 62 -20.06 -4.45 16.83
CA PHE D 62 -19.30 -3.22 16.59
C PHE D 62 -19.74 -2.61 15.26
N SER D 63 -20.24 -1.37 15.32
CA SER D 63 -20.75 -0.68 14.14
C SER D 63 -20.11 0.71 14.05
N GLY D 64 -19.00 0.80 13.33
CA GLY D 64 -18.39 2.09 13.08
C GLY D 64 -19.19 2.90 12.08
N SER D 65 -19.16 4.21 12.25
CA SER D 65 -19.95 5.12 11.43
C SER D 65 -19.38 6.51 11.54
N GLY D 66 -19.86 7.40 10.67
CA GLY D 66 -19.41 8.77 10.63
C GLY D 66 -19.01 9.18 9.22
N SER D 67 -18.65 10.46 9.09
CA SER D 67 -18.23 11.02 7.82
C SER D 67 -17.61 12.39 8.07
N GLY D 68 -16.82 12.85 7.12
CA GLY D 68 -16.27 14.19 7.19
C GLY D 68 -15.11 14.27 8.16
N THR D 69 -15.22 15.19 9.12
CA THR D 69 -14.18 15.40 10.12
C THR D 69 -14.59 14.87 11.50
N GLN D 70 -15.72 14.17 11.60
CA GLN D 70 -16.18 13.59 12.86
C GLN D 70 -16.59 12.15 12.60
N TYR D 71 -16.06 11.24 13.42
CA TYR D 71 -16.38 9.82 13.31
C TYR D 71 -16.71 9.26 14.68
N SER D 72 -17.36 8.10 14.69
CA SER D 72 -17.84 7.52 15.93
C SER D 72 -17.80 6.00 15.83
N LEU D 73 -17.90 5.37 17.00
CA LEU D 73 -17.91 3.91 17.13
C LEU D 73 -19.02 3.51 18.09
N LYS D 74 -19.79 2.50 17.71
CA LYS D 74 -20.94 2.08 18.49
C LYS D 74 -20.86 0.58 18.76
N ILE D 75 -21.03 0.20 20.02
CA ILE D 75 -21.04 -1.20 20.44
C ILE D 75 -22.44 -1.49 20.96
N ASN D 76 -23.30 -2.04 20.09
CA ASN D 76 -24.59 -2.51 20.54
C ASN D 76 -24.45 -3.84 21.27
N SER D 77 -25.40 -4.11 22.16
CA SER D 77 -25.44 -5.34 22.96
C SER D 77 -24.07 -5.61 23.60
N LEU D 78 -23.70 -4.71 24.51
CA LEU D 78 -22.40 -4.77 25.16
C LEU D 78 -22.22 -6.11 25.87
N GLN D 79 -21.01 -6.65 25.78
CA GLN D 79 -20.67 -7.96 26.33
C GLN D 79 -19.48 -7.81 27.25
N PRO D 80 -19.26 -8.77 28.18
CA PRO D 80 -18.17 -8.63 29.16
C PRO D 80 -16.78 -8.61 28.54
N GLU D 81 -16.63 -8.97 27.27
CA GLU D 81 -15.32 -9.03 26.63
C GLU D 81 -14.88 -7.69 26.05
N ASP D 82 -15.65 -6.61 26.27
CA ASP D 82 -15.39 -5.34 25.62
C ASP D 82 -14.79 -4.30 26.55
N PHE D 83 -14.18 -4.74 27.64
CA PHE D 83 -13.53 -3.79 28.53
C PHE D 83 -12.18 -3.38 27.94
N GLY D 84 -11.69 -2.21 28.38
CA GLY D 84 -10.39 -1.74 28.00
C GLY D 84 -10.47 -0.31 27.50
N SER D 85 -9.45 0.05 26.73
CA SER D 85 -9.30 1.39 26.19
C SER D 85 -9.43 1.36 24.68
N TYR D 86 -10.12 2.37 24.13
CA TYR D 86 -10.34 2.47 22.70
C TYR D 86 -9.68 3.72 22.16
N TYR D 87 -9.02 3.58 21.01
CA TYR D 87 -8.31 4.69 20.37
C TYR D 87 -8.81 4.86 18.94
N CYS D 88 -8.69 6.08 18.42
CA CYS D 88 -8.95 6.34 17.01
C CYS D 88 -7.69 6.90 16.36
N GLN D 89 -7.33 6.33 15.22
CA GLN D 89 -6.16 6.75 14.46
C GLN D 89 -6.58 7.03 13.02
N HIS D 90 -6.05 8.10 12.45
CA HIS D 90 -6.32 8.46 11.06
C HIS D 90 -5.12 8.13 10.19
N PHE D 91 -5.39 7.85 8.92
CA PHE D 91 -4.35 7.46 7.96
C PHE D 91 -4.43 8.30 6.69
N TRP D 92 -4.89 9.54 6.82
CA TRP D 92 -5.04 10.40 5.65
C TRP D 92 -3.74 11.09 5.28
N SER D 93 -3.10 11.75 6.24
CA SER D 93 -1.85 12.46 6.01
C SER D 93 -0.84 12.08 7.08
N THR D 94 0.44 12.11 6.70
CA THR D 94 1.48 11.85 7.68
C THR D 94 1.82 13.14 8.44
N PRO D 95 1.99 13.09 9.77
CA PRO D 95 1.93 11.90 10.64
C PRO D 95 0.52 11.42 10.93
N TYR D 96 0.40 10.12 11.25
CA TYR D 96 -0.90 9.50 11.52
C TYR D 96 -1.18 9.64 13.01
N THR D 97 -1.91 10.69 13.37
CA THR D 97 -2.12 11.01 14.78
C THR D 97 -3.12 10.05 15.41
N PHE D 98 -2.77 9.53 16.57
CA PHE D 98 -3.66 8.70 17.36
C PHE D 98 -4.69 9.57 18.09
N GLY D 99 -5.53 8.92 18.90
CA GLY D 99 -6.54 9.60 19.67
C GLY D 99 -6.22 9.66 21.16
N GLY D 100 -7.13 10.32 21.88
CA GLY D 100 -6.94 10.46 23.32
C GLY D 100 -7.14 9.15 24.06
N GLY D 101 -8.26 8.49 23.81
CA GLY D 101 -8.55 7.23 24.46
C GLY D 101 -9.75 7.34 25.39
N THR D 102 -10.47 6.22 25.52
CA THR D 102 -11.64 6.14 26.39
C THR D 102 -11.54 4.89 27.25
N LYS D 103 -11.64 5.06 28.56
CA LYS D 103 -11.64 3.95 29.50
C LYS D 103 -13.08 3.44 29.63
N LEU D 104 -13.34 2.25 29.10
CA LEU D 104 -14.67 1.65 29.13
C LEU D 104 -14.74 0.66 30.29
N GLU D 105 -15.42 1.07 31.36
CA GLU D 105 -15.66 0.21 32.51
C GLU D 105 -17.01 -0.47 32.36
N ILE D 106 -17.04 -1.79 32.51
CA ILE D 106 -18.29 -2.54 32.43
C ILE D 106 -19.03 -2.35 33.74
N LYS D 107 -20.14 -1.61 33.71
CA LYS D 107 -20.93 -1.38 34.90
C LYS D 107 -21.56 -2.69 35.36
N ARG D 108 -21.48 -2.96 36.67
CA ARG D 108 -21.89 -4.25 37.20
C ARG D 108 -22.41 -4.03 38.62
N ALA D 109 -23.14 -5.02 39.13
CA ALA D 109 -23.62 -4.97 40.49
C ALA D 109 -22.45 -4.97 41.47
N ASP D 110 -22.55 -4.17 42.52
CA ASP D 110 -21.46 -4.03 43.48
C ASP D 110 -21.28 -5.32 44.27
N ALA D 111 -20.03 -5.71 44.47
CA ALA D 111 -19.68 -6.92 45.21
C ALA D 111 -18.61 -6.60 46.25
N ALA D 112 -18.67 -7.30 47.38
CA ALA D 112 -17.77 -7.10 48.51
C ALA D 112 -16.51 -7.95 48.34
N PRO D 113 -15.35 -7.39 48.65
CA PRO D 113 -14.10 -8.12 48.45
C PRO D 113 -13.91 -9.25 49.44
N THR D 114 -13.19 -10.28 49.00
CA THR D 114 -12.77 -11.38 49.86
C THR D 114 -11.27 -11.22 50.12
N VAL D 115 -10.93 -10.84 51.34
CA VAL D 115 -9.56 -10.46 51.68
C VAL D 115 -8.79 -11.68 52.15
N SER D 116 -7.49 -11.70 51.82
CA SER D 116 -6.57 -12.72 52.30
C SER D 116 -5.22 -12.07 52.50
N ILE D 117 -4.71 -12.12 53.73
CA ILE D 117 -3.45 -11.46 54.07
C ILE D 117 -2.34 -12.50 54.11
N PHE D 118 -1.10 -12.03 53.96
CA PHE D 118 0.05 -12.92 53.86
C PHE D 118 1.23 -12.38 54.67
N PRO D 119 1.74 -13.14 55.63
CA PRO D 119 2.85 -12.66 56.46
C PRO D 119 4.14 -12.62 55.67
N PRO D 120 5.13 -11.84 56.11
CA PRO D 120 6.40 -11.78 55.37
C PRO D 120 7.10 -13.13 55.36
N SER D 121 7.85 -13.36 54.28
CA SER D 121 8.61 -14.59 54.13
C SER D 121 9.89 -14.54 54.94
N SER D 122 10.37 -15.71 55.34
CA SER D 122 11.60 -15.78 56.12
C SER D 122 12.81 -15.30 55.33
N GLU D 123 12.79 -15.51 54.01
CA GLU D 123 13.90 -15.02 53.18
C GLU D 123 13.93 -13.50 53.14
N GLN D 124 12.77 -12.85 53.09
CA GLN D 124 12.72 -11.40 53.10
C GLN D 124 13.21 -10.84 54.42
N LEU D 125 12.88 -11.49 55.53
CA LEU D 125 13.31 -11.01 56.83
C LEU D 125 14.82 -11.05 56.97
N THR D 126 15.46 -12.05 56.37
CA THR D 126 16.92 -12.18 56.39
C THR D 126 17.61 -11.20 55.45
N SER D 127 16.85 -10.45 54.65
CA SER D 127 17.40 -9.50 53.71
C SER D 127 17.26 -8.05 54.17
N GLY D 128 16.92 -7.84 55.43
CA GLY D 128 16.81 -6.48 55.95
C GLY D 128 15.50 -5.79 55.64
N GLY D 129 14.40 -6.54 55.57
CA GLY D 129 13.11 -5.94 55.28
C GLY D 129 11.99 -6.90 55.61
N ALA D 130 10.77 -6.37 55.53
CA ALA D 130 9.57 -7.16 55.79
C ALA D 130 8.41 -6.51 55.04
N SER D 131 7.48 -7.36 54.58
CA SER D 131 6.34 -6.87 53.83
C SER D 131 5.18 -7.84 53.95
N VAL D 132 4.03 -7.32 54.38
CA VAL D 132 2.77 -8.07 54.41
C VAL D 132 1.96 -7.68 53.18
N VAL D 133 1.30 -8.66 52.57
CA VAL D 133 0.53 -8.43 51.35
C VAL D 133 -0.93 -8.76 51.62
N CYS D 134 -1.82 -7.99 50.97
CA CYS D 134 -3.26 -8.14 51.14
C CYS D 134 -3.88 -8.24 49.75
N PHE D 135 -4.63 -9.30 49.50
CA PHE D 135 -5.24 -9.55 48.19
C PHE D 135 -6.75 -9.42 48.31
N LEU D 136 -7.29 -8.31 47.79
CA LEU D 136 -8.74 -8.14 47.65
C LEU D 136 -9.13 -8.73 46.30
N ASN D 137 -9.53 -10.01 46.32
CA ASN D 137 -9.54 -10.81 45.11
C ASN D 137 -10.67 -10.42 44.15
N ASN D 138 -11.89 -10.27 44.67
CA ASN D 138 -13.05 -10.07 43.82
C ASN D 138 -13.94 -9.00 44.43
N PHE D 139 -14.09 -7.87 43.73
CA PHE D 139 -14.87 -6.76 44.26
C PHE D 139 -15.21 -5.78 43.14
N TYR D 140 -16.25 -4.97 43.38
CA TYR D 140 -16.73 -3.91 42.51
C TYR D 140 -17.52 -2.91 43.33
N PRO D 141 -17.42 -1.60 43.04
CA PRO D 141 -16.56 -0.93 42.05
C PRO D 141 -15.07 -0.93 42.41
N LYS D 142 -14.28 -0.20 41.61
CA LYS D 142 -12.83 -0.21 41.75
C LYS D 142 -12.31 0.71 42.85
N ASP D 143 -13.14 1.65 43.31
CA ASP D 143 -12.74 2.59 44.36
C ASP D 143 -12.79 1.87 45.70
N ILE D 144 -11.62 1.62 46.29
CA ILE D 144 -11.52 0.96 47.59
C ILE D 144 -10.45 1.66 48.42
N ASN D 145 -10.70 1.74 49.72
CA ASN D 145 -9.78 2.40 50.66
C ASN D 145 -9.16 1.33 51.56
N VAL D 146 -7.84 1.19 51.49
CA VAL D 146 -7.10 0.22 52.29
C VAL D 146 -6.27 0.96 53.32
N LYS D 147 -6.40 0.57 54.58
CA LYS D 147 -5.64 1.15 55.67
C LYS D 147 -4.95 0.04 56.45
N TRP D 148 -3.63 0.05 56.44
CA TRP D 148 -2.85 -0.94 57.18
C TRP D 148 -2.70 -0.50 58.63
N LYS D 149 -2.98 -1.43 59.56
CA LYS D 149 -2.92 -1.15 60.98
C LYS D 149 -1.77 -1.93 61.60
N ILE D 150 -0.84 -1.22 62.23
CA ILE D 150 0.29 -1.82 62.92
C ILE D 150 0.09 -1.59 64.40
N ASP D 151 -0.26 -2.66 65.13
CA ASP D 151 -0.47 -2.60 66.58
C ASP D 151 -1.51 -1.53 66.95
N GLY D 152 -2.64 -1.55 66.24
CA GLY D 152 -3.69 -0.60 66.51
C GLY D 152 -3.43 0.81 66.05
N SER D 153 -2.42 1.03 65.23
CA SER D 153 -2.09 2.36 64.71
C SER D 153 -2.16 2.32 63.19
N GLU D 154 -2.88 3.28 62.60
CA GLU D 154 -3.04 3.36 61.15
C GLU D 154 -1.72 3.78 60.52
N ARG D 155 -1.11 2.88 59.75
CA ARG D 155 0.15 3.15 59.06
C ARG D 155 -0.16 3.42 57.59
N GLN D 156 -0.03 4.68 57.18
CA GLN D 156 -0.26 5.08 55.79
C GLN D 156 1.02 5.60 55.12
N ASN D 157 2.18 5.29 55.69
CA ASN D 157 3.44 5.77 55.12
C ASN D 157 3.76 5.06 53.81
N GLY D 158 3.88 3.73 53.86
CA GLY D 158 4.22 2.97 52.68
C GLY D 158 3.18 1.93 52.29
N VAL D 159 2.70 2.01 51.06
CA VAL D 159 1.72 1.07 50.55
C VAL D 159 1.77 1.08 49.03
N LEU D 160 1.78 -0.09 48.43
CA LEU D 160 1.84 -0.26 46.98
C LEU D 160 0.55 -0.93 46.53
N ASN D 161 -0.39 -0.15 45.99
CA ASN D 161 -1.68 -0.64 45.56
C ASN D 161 -1.75 -0.59 44.04
N SER D 162 -2.01 -1.75 43.43
CA SER D 162 -2.19 -1.85 41.99
C SER D 162 -3.45 -2.64 41.69
N TRP D 163 -4.21 -2.20 40.69
CA TRP D 163 -5.50 -2.77 40.34
C TRP D 163 -5.40 -3.53 39.03
N THR D 164 -5.81 -4.79 39.04
CA THR D 164 -5.97 -5.51 37.79
C THR D 164 -7.22 -5.02 37.05
N ASP D 165 -7.29 -5.37 35.77
CA ASP D 165 -8.48 -5.08 34.98
C ASP D 165 -9.64 -5.94 35.47
N GLN D 166 -10.83 -5.60 35.01
CA GLN D 166 -12.00 -6.43 35.33
C GLN D 166 -11.84 -7.80 34.73
N ASP D 167 -12.28 -8.82 35.48
CA ASP D 167 -12.18 -10.19 35.00
C ASP D 167 -12.97 -10.37 33.71
N SER D 168 -12.47 -11.24 32.84
CA SER D 168 -13.09 -11.42 31.53
C SER D 168 -14.54 -11.86 31.64
N LYS D 169 -14.88 -12.62 32.68
CA LYS D 169 -16.22 -13.14 32.86
C LYS D 169 -16.99 -12.46 33.98
N ASP D 170 -16.34 -12.13 35.09
CA ASP D 170 -17.03 -11.58 36.25
C ASP D 170 -17.16 -10.06 36.22
N SER D 171 -16.29 -9.37 35.48
CA SER D 171 -16.21 -7.91 35.49
C SER D 171 -15.90 -7.38 36.90
N THR D 172 -15.23 -8.20 37.71
CA THR D 172 -14.87 -7.85 39.07
C THR D 172 -13.42 -7.37 39.11
N TYR D 173 -13.17 -6.37 39.94
CA TYR D 173 -11.82 -5.85 40.10
C TYR D 173 -11.03 -6.69 41.09
N SER D 174 -9.75 -6.35 41.23
CA SER D 174 -8.85 -7.04 42.14
C SER D 174 -7.67 -6.11 42.43
N MET D 175 -7.25 -6.08 43.70
CA MET D 175 -6.20 -5.16 44.12
C MET D 175 -5.23 -5.85 45.06
N SER D 176 -3.95 -5.51 44.93
CA SER D 176 -2.90 -6.01 45.80
C SER D 176 -2.27 -4.84 46.53
N SER D 177 -2.09 -4.98 47.84
CA SER D 177 -1.50 -3.94 48.67
C SER D 177 -0.36 -4.54 49.47
N THR D 178 0.82 -3.92 49.37
CA THR D 178 2.02 -4.38 50.06
C THR D 178 2.55 -3.26 50.94
N LEU D 179 2.79 -3.57 52.22
CA LEU D 179 3.36 -2.63 53.16
C LEU D 179 4.82 -3.00 53.38
N THR D 180 5.72 -2.19 52.82
CA THR D 180 7.16 -2.45 52.87
C THR D 180 7.77 -1.72 54.06
N LEU D 181 8.36 -2.48 54.98
CA LEU D 181 8.95 -1.93 56.20
C LEU D 181 10.21 -2.72 56.54
N THR D 182 10.99 -2.14 57.45
CA THR D 182 12.26 -2.76 57.86
C THR D 182 12.02 -3.94 58.79
N LYS D 183 12.99 -4.86 58.82
CA LYS D 183 12.86 -6.06 59.62
C LYS D 183 12.88 -5.75 61.12
N ASP D 184 13.67 -4.74 61.52
CA ASP D 184 13.71 -4.37 62.94
C ASP D 184 12.36 -3.83 63.39
N GLU D 185 11.69 -3.04 62.54
CA GLU D 185 10.35 -2.57 62.86
C GLU D 185 9.36 -3.72 62.89
N TYR D 186 9.58 -4.76 62.07
CA TYR D 186 8.67 -5.90 62.06
C TYR D 186 8.75 -6.69 63.36
N GLU D 187 9.96 -6.86 63.89
CA GLU D 187 10.11 -7.64 65.13
C GLU D 187 9.57 -6.88 66.33
N ARG D 188 9.56 -5.54 66.28
CA ARG D 188 9.14 -4.76 67.42
C ARG D 188 7.66 -4.98 67.75
N HIS D 189 6.80 -4.88 66.74
CA HIS D 189 5.36 -5.00 66.93
C HIS D 189 4.90 -6.42 66.69
N ASN D 190 3.69 -6.71 67.15
CA ASN D 190 3.13 -8.05 67.10
C ASN D 190 1.79 -8.14 66.39
N SER D 191 1.15 -7.02 66.06
CA SER D 191 -0.19 -6.99 65.48
C SER D 191 -0.17 -6.23 64.17
N TYR D 192 -0.59 -6.88 63.09
CA TYR D 192 -0.72 -6.26 61.77
C TYR D 192 -2.09 -6.57 61.20
N THR D 193 -2.72 -5.57 60.59
CA THR D 193 -4.08 -5.73 60.08
C THR D 193 -4.24 -4.99 58.76
N CYS D 194 -5.02 -5.58 57.86
CA CYS D 194 -5.35 -5.00 56.56
C CYS D 194 -6.83 -4.65 56.55
N GLU D 195 -7.13 -3.35 56.67
CA GLU D 195 -8.51 -2.87 56.70
C GLU D 195 -8.90 -2.33 55.33
N ALA D 196 -10.16 -2.60 54.93
CA ALA D 196 -10.67 -2.16 53.64
C ALA D 196 -12.10 -1.67 53.82
N THR D 197 -12.38 -0.47 53.30
CA THR D 197 -13.70 0.16 53.40
C THR D 197 -14.26 0.33 51.99
N HIS D 198 -15.27 -0.46 51.65
CA HIS D 198 -15.80 -0.46 50.28
C HIS D 198 -17.22 -1.02 50.31
N LYS D 199 -18.20 -0.14 50.04
CA LYS D 199 -19.62 -0.50 49.96
C LYS D 199 -20.17 -1.05 51.26
N THR D 200 -19.53 -0.77 52.39
CA THR D 200 -20.01 -1.25 53.68
C THR D 200 -19.40 -0.39 54.78
N SER D 201 -20.23 0.05 55.73
CA SER D 201 -19.71 0.81 56.86
C SER D 201 -18.74 -0.01 57.67
N THR D 202 -19.07 -1.27 57.92
CA THR D 202 -18.09 -2.19 58.52
C THR D 202 -16.99 -2.48 57.51
N SER D 203 -15.77 -2.63 58.02
CA SER D 203 -14.60 -2.80 57.17
C SER D 203 -14.14 -4.24 57.20
N PRO D 204 -14.22 -4.98 56.09
CA PRO D 204 -13.60 -6.31 56.03
C PRO D 204 -12.11 -6.21 56.31
N ILE D 205 -11.63 -7.03 57.24
CA ILE D 205 -10.24 -6.97 57.69
C ILE D 205 -9.70 -8.38 57.91
N VAL D 206 -8.39 -8.51 57.72
CA VAL D 206 -7.65 -9.72 58.04
C VAL D 206 -6.40 -9.29 58.79
N LYS D 207 -6.02 -10.08 59.79
CA LYS D 207 -4.92 -9.72 60.68
C LYS D 207 -4.01 -10.94 60.89
N SER D 208 -2.86 -10.68 61.52
CA SER D 208 -1.92 -11.74 61.86
C SER D 208 -1.07 -11.27 63.02
N PHE D 209 -0.36 -12.22 63.63
CA PHE D 209 0.58 -11.94 64.70
C PHE D 209 1.86 -12.71 64.45
N ASN D 210 2.99 -12.12 64.88
CA ASN D 210 4.27 -12.81 64.74
C ASN D 210 4.22 -14.18 65.41
N ARG D 211 3.54 -14.27 66.54
CA ARG D 211 3.35 -15.54 67.24
C ARG D 211 2.00 -16.15 66.89
N GLN E 3 37.18 34.46 -7.40
CA GLN E 3 36.29 33.62 -8.19
C GLN E 3 37.07 32.57 -8.98
N LEU E 4 36.41 31.46 -9.28
CA LEU E 4 36.99 30.37 -10.04
C LEU E 4 36.16 30.13 -11.30
N VAL E 5 36.84 30.03 -12.44
CA VAL E 5 36.19 29.88 -13.73
C VAL E 5 36.65 28.58 -14.35
N GLU E 6 35.69 27.78 -14.82
CA GLU E 6 35.95 26.47 -15.41
C GLU E 6 35.56 26.49 -16.88
N SER E 7 36.44 25.99 -17.73
CA SER E 7 36.19 25.91 -19.16
C SER E 7 36.75 24.60 -19.69
N GLY E 8 36.41 24.29 -20.94
CA GLY E 8 36.81 23.05 -21.55
C GLY E 8 35.82 21.91 -21.41
N GLY E 9 34.61 22.19 -20.96
CA GLY E 9 33.59 21.16 -20.80
C GLY E 9 32.68 21.06 -22.01
N GLY E 10 32.24 19.84 -22.28
CA GLY E 10 31.35 19.62 -23.41
C GLY E 10 31.13 18.14 -23.61
N LEU E 11 30.68 17.79 -24.81
CA LEU E 11 30.39 16.41 -25.16
C LEU E 11 31.64 15.74 -25.70
N VAL E 12 32.04 14.64 -25.07
CA VAL E 12 33.15 13.81 -25.51
C VAL E 12 32.65 12.40 -25.68
N GLN E 13 32.91 11.81 -26.86
CA GLN E 13 32.40 10.48 -27.16
C GLN E 13 33.00 9.45 -26.20
N PRO E 14 32.30 8.35 -25.96
CA PRO E 14 32.90 7.25 -25.19
C PRO E 14 34.17 6.76 -25.85
N LYS E 15 35.12 6.31 -25.02
CA LYS E 15 36.47 5.99 -25.47
C LYS E 15 37.14 7.21 -26.10
N GLY E 16 36.94 8.37 -25.48
CA GLY E 16 37.55 9.61 -25.94
C GLY E 16 38.20 10.36 -24.80
N SER E 17 38.87 11.45 -25.16
CA SER E 17 39.62 12.25 -24.21
C SER E 17 39.10 13.68 -24.19
N LEU E 18 39.29 14.34 -23.04
CA LEU E 18 38.92 15.73 -22.86
C LEU E 18 39.69 16.29 -21.67
N LYS E 19 39.76 17.62 -21.61
CA LYS E 19 40.48 18.32 -20.56
C LYS E 19 39.66 19.50 -20.06
N LEU E 20 39.88 19.87 -18.80
CA LEU E 20 39.20 20.99 -18.17
C LEU E 20 40.23 21.94 -17.57
N SER E 21 39.79 23.19 -17.39
CA SER E 21 40.68 24.25 -16.91
C SER E 21 39.93 25.12 -15.91
N CYS E 22 40.40 25.16 -14.67
CA CYS E 22 39.85 26.02 -13.63
C CYS E 22 40.78 27.21 -13.44
N ALA E 23 40.33 28.39 -13.82
CA ALA E 23 41.12 29.61 -13.74
C ALA E 23 40.73 30.38 -12.47
N ALA E 24 41.70 30.63 -11.61
CA ALA E 24 41.48 31.23 -10.30
C ALA E 24 42.08 32.62 -10.27
N SER E 25 41.31 33.58 -9.75
CA SER E 25 41.77 34.96 -9.59
C SER E 25 41.14 35.53 -8.33
N GLY E 26 41.98 36.04 -7.43
CA GLY E 26 41.49 36.69 -6.24
C GLY E 26 42.07 36.16 -4.94
N PHE E 27 43.05 35.26 -5.04
CA PHE E 27 43.65 34.69 -3.84
C PHE E 27 44.98 34.05 -4.23
N THR E 28 45.78 33.73 -3.21
CA THR E 28 47.05 33.03 -3.42
C THR E 28 46.77 31.60 -3.86
N PHE E 29 47.18 31.27 -5.09
CA PHE E 29 46.82 29.98 -5.67
C PHE E 29 47.64 28.83 -5.08
N ASN E 30 48.93 29.06 -4.80
CA ASN E 30 49.81 27.97 -4.42
C ASN E 30 49.75 27.63 -2.94
N THR E 31 49.24 28.52 -2.09
CA THR E 31 49.27 28.30 -0.65
C THR E 31 48.14 27.39 -0.15
N TYR E 32 47.31 26.86 -1.04
CA TYR E 32 46.21 25.99 -0.66
C TYR E 32 46.25 24.71 -1.48
N ALA E 33 45.60 23.69 -0.96
CA ALA E 33 45.36 22.47 -1.72
C ALA E 33 44.14 22.65 -2.61
N MET E 34 44.17 21.99 -3.77
CA MET E 34 43.11 22.12 -4.76
C MET E 34 42.55 20.74 -5.07
N ASN E 35 41.22 20.62 -5.04
CA ASN E 35 40.53 19.36 -5.26
C ASN E 35 39.42 19.55 -6.27
N TRP E 36 39.10 18.47 -6.99
CA TRP E 36 38.02 18.44 -7.96
C TRP E 36 36.88 17.59 -7.41
N VAL E 37 35.65 17.96 -7.78
CA VAL E 37 34.44 17.24 -7.36
C VAL E 37 33.47 17.23 -8.52
N ARG E 38 32.77 16.11 -8.69
CA ARG E 38 31.79 15.95 -9.76
C ARG E 38 30.42 15.66 -9.18
N GLN E 39 29.38 16.07 -9.90
CA GLN E 39 28.00 15.89 -9.48
C GLN E 39 27.20 15.26 -10.61
N ALA E 40 26.75 14.02 -10.40
CA ALA E 40 25.95 13.30 -11.39
C ALA E 40 24.64 14.04 -11.65
N PRO E 41 23.93 13.70 -12.75
CA PRO E 41 22.66 14.40 -13.05
C PRO E 41 21.68 14.40 -11.88
N GLY E 42 21.25 13.21 -11.45
CA GLY E 42 20.31 13.10 -10.35
C GLY E 42 20.87 12.57 -9.06
N LYS E 43 22.19 12.39 -8.94
CA LYS E 43 22.81 11.85 -7.74
C LYS E 43 23.58 12.93 -7.01
N GLY E 44 24.09 12.56 -5.83
CA GLY E 44 24.86 13.48 -5.03
C GLY E 44 26.31 13.54 -5.44
N LEU E 45 27.00 14.55 -4.91
CA LEU E 45 28.40 14.78 -5.25
C LEU E 45 29.29 13.71 -4.60
N GLU E 46 30.48 13.55 -5.17
CA GLU E 46 31.43 12.57 -4.67
C GLU E 46 32.84 12.97 -5.10
N TRP E 47 33.81 12.34 -4.44
CA TRP E 47 35.21 12.67 -4.62
C TRP E 47 35.65 12.46 -6.07
N VAL E 48 36.48 13.37 -6.56
CA VAL E 48 37.00 13.27 -7.92
C VAL E 48 38.52 13.24 -7.87
N ALA E 49 39.14 14.33 -7.42
CA ALA E 49 40.59 14.42 -7.40
C ALA E 49 41.03 15.43 -6.36
N ARG E 50 42.35 15.54 -6.20
CA ARG E 50 42.95 16.49 -5.27
C ARG E 50 44.44 16.63 -5.59
N ILE E 51 44.99 17.78 -5.24
CA ILE E 51 46.40 18.08 -5.41
C ILE E 51 46.88 18.86 -4.19
N ARG E 52 48.11 18.57 -3.75
CA ARG E 52 48.67 19.19 -2.57
C ARG E 52 49.56 20.38 -2.95
N THR E 53 50.08 21.06 -1.94
CA THR E 53 50.89 22.25 -2.14
C THR E 53 52.30 21.89 -2.60
N LYS E 54 53.05 22.92 -2.99
CA LYS E 54 54.43 22.70 -3.43
C LYS E 54 55.31 22.23 -2.28
N THR E 55 54.99 22.62 -1.04
CA THR E 55 55.73 22.15 0.12
C THR E 55 55.51 20.67 0.40
N ASN E 56 54.38 20.11 -0.06
CA ASN E 56 54.09 18.69 0.11
C ASN E 56 54.45 17.87 -1.12
N ASN E 57 55.32 18.40 -1.99
CA ASN E 57 55.83 17.68 -3.16
C ASN E 57 54.73 17.34 -4.16
N TYR E 58 53.69 18.17 -4.23
CA TYR E 58 52.61 18.04 -5.21
C TYR E 58 52.02 16.63 -5.19
N VAL E 59 51.51 16.24 -4.03
CA VAL E 59 50.89 14.93 -3.88
C VAL E 59 49.53 14.94 -4.55
N THR E 60 49.28 13.97 -5.42
CA THR E 60 48.02 13.84 -6.13
C THR E 60 47.25 12.64 -5.61
N TYR E 61 45.99 12.87 -5.25
CA TYR E 61 45.11 11.82 -4.74
C TYR E 61 43.85 11.81 -5.60
N TYR E 62 43.58 10.67 -6.23
CA TYR E 62 42.44 10.52 -7.12
C TYR E 62 41.41 9.59 -6.50
N ALA E 63 40.17 9.71 -6.98
CA ALA E 63 39.12 8.81 -6.54
C ALA E 63 39.41 7.39 -7.01
N ASP E 64 38.88 6.41 -6.26
CA ASP E 64 39.14 5.02 -6.59
C ASP E 64 38.53 4.62 -7.92
N SER E 65 37.47 5.31 -8.34
CA SER E 65 36.76 4.92 -9.56
C SER E 65 37.58 5.20 -10.81
N VAL E 66 38.20 6.37 -10.88
CA VAL E 66 38.94 6.76 -12.10
C VAL E 66 40.30 7.33 -11.73
N LYS E 67 41.05 6.62 -10.89
CA LYS E 67 42.36 7.11 -10.46
C LYS E 67 43.34 7.16 -11.63
N ASP E 68 43.47 6.06 -12.37
CA ASP E 68 44.42 6.02 -13.47
C ASP E 68 43.92 6.79 -14.68
N ARG E 69 42.61 6.96 -14.81
CA ARG E 69 42.06 7.53 -16.04
C ARG E 69 42.32 9.03 -16.14
N PHE E 70 42.24 9.74 -15.01
CA PHE E 70 42.38 11.19 -15.00
C PHE E 70 43.64 11.60 -14.24
N THR E 71 44.18 12.75 -14.62
CA THR E 71 45.39 13.30 -14.02
C THR E 71 45.17 14.78 -13.76
N ILE E 72 45.08 15.16 -12.49
CA ILE E 72 44.95 16.55 -12.08
C ILE E 72 46.30 17.24 -12.23
N SER E 73 46.26 18.52 -12.62
CA SER E 73 47.48 19.30 -12.81
C SER E 73 47.24 20.72 -12.35
N ARG E 74 48.30 21.35 -11.83
CA ARG E 74 48.23 22.72 -11.35
C ARG E 74 49.45 23.50 -11.83
N ASP E 75 49.20 24.63 -12.47
CA ASP E 75 50.24 25.58 -12.85
C ASP E 75 50.17 26.75 -11.88
N ASP E 76 51.15 26.84 -10.97
CA ASP E 76 51.10 27.84 -9.91
C ASP E 76 51.19 29.25 -10.47
N SER E 77 52.06 29.47 -11.45
CA SER E 77 52.23 30.81 -12.01
C SER E 77 50.98 31.26 -12.76
N GLN E 78 50.43 30.40 -13.62
CA GLN E 78 49.25 30.73 -14.39
C GLN E 78 47.95 30.55 -13.61
N SER E 79 48.02 30.00 -12.40
CA SER E 79 46.83 29.78 -11.56
C SER E 79 45.78 28.94 -12.28
N MET E 80 46.23 27.89 -12.97
CA MET E 80 45.36 27.02 -13.74
C MET E 80 45.28 25.65 -13.08
N LEU E 81 44.07 25.10 -12.99
CA LEU E 81 43.86 23.71 -12.61
C LEU E 81 43.39 22.92 -13.82
N TYR E 82 43.90 21.71 -13.97
CA TYR E 82 43.67 20.92 -15.17
C TYR E 82 43.43 19.47 -14.79
N LEU E 83 42.24 18.97 -15.12
CA LEU E 83 41.90 17.55 -14.98
C LEU E 83 41.55 17.02 -16.37
N GLN E 84 42.29 16.01 -16.83
CA GLN E 84 42.12 15.46 -18.17
C GLN E 84 41.63 14.02 -18.06
N MET E 85 40.47 13.75 -18.65
CA MET E 85 39.87 12.41 -18.61
C MET E 85 40.12 11.68 -19.92
N ASN E 86 40.34 10.37 -19.82
CA ASN E 86 40.60 9.53 -20.98
C ASN E 86 39.74 8.28 -20.90
N ASN E 87 39.14 7.91 -22.05
CA ASN E 87 38.24 6.76 -22.15
C ASN E 87 37.11 6.85 -21.12
N LEU E 88 36.46 8.01 -21.08
CA LEU E 88 35.42 8.24 -20.09
C LEU E 88 34.19 7.40 -20.39
N LYS E 89 33.61 6.83 -19.34
CA LYS E 89 32.39 6.06 -19.49
C LYS E 89 31.17 6.99 -19.48
N THR E 90 30.03 6.45 -19.90
CA THR E 90 28.81 7.24 -19.95
C THR E 90 28.30 7.58 -18.55
N GLU E 91 28.48 6.67 -17.60
CA GLU E 91 28.02 6.92 -16.24
C GLU E 91 28.85 8.00 -15.57
N ASP E 92 30.16 8.05 -15.87
CA ASP E 92 31.04 9.05 -15.29
C ASP E 92 30.74 10.47 -15.76
N THR E 93 29.88 10.62 -16.78
CA THR E 93 29.53 11.96 -17.25
C THR E 93 28.78 12.72 -16.17
N ALA E 94 29.20 13.96 -15.92
CA ALA E 94 28.62 14.77 -14.87
C ALA E 94 29.13 16.20 -15.02
N MET E 95 28.61 17.08 -14.17
CA MET E 95 29.15 18.43 -14.05
C MET E 95 30.31 18.42 -13.07
N TYR E 96 31.38 19.14 -13.39
CA TYR E 96 32.62 19.08 -12.65
C TYR E 96 32.94 20.43 -12.06
N TYR E 97 33.12 20.47 -10.74
CA TYR E 97 33.45 21.69 -10.01
C TYR E 97 34.89 21.64 -9.53
N CYS E 98 35.53 22.81 -9.49
CA CYS E 98 36.84 22.99 -8.89
C CYS E 98 36.68 23.74 -7.58
N VAL E 99 37.28 23.22 -6.51
CA VAL E 99 37.05 23.71 -5.15
C VAL E 99 38.38 23.91 -4.44
N ARG E 100 38.34 24.70 -3.37
CA ARG E 100 39.53 25.10 -2.63
C ARG E 100 39.53 24.43 -1.25
N HIS E 101 40.59 23.66 -0.97
CA HIS E 101 40.83 23.05 0.33
C HIS E 101 39.62 22.27 0.84
N VAL E 102 39.07 22.69 1.98
CA VAL E 102 37.97 21.99 2.63
C VAL E 102 36.64 22.46 2.04
N GLY E 103 36.70 23.16 0.91
CA GLY E 103 35.51 23.69 0.31
C GLY E 103 35.27 25.14 0.65
N ASP E 104 36.35 25.92 0.69
CA ASP E 104 36.21 27.34 1.02
C ASP E 104 35.45 28.09 -0.07
N TYR E 105 35.80 27.85 -1.33
CA TYR E 105 35.17 28.54 -2.45
C TYR E 105 35.00 27.55 -3.60
N TRP E 106 33.76 27.26 -3.94
CA TRP E 106 33.47 26.39 -5.07
C TRP E 106 33.44 27.18 -6.38
N GLY E 107 33.35 26.46 -7.49
CA GLY E 107 33.26 27.04 -8.80
C GLY E 107 31.87 26.89 -9.40
N GLN E 108 31.66 27.58 -10.52
CA GLN E 108 30.37 27.53 -11.18
C GLN E 108 30.09 26.16 -11.79
N GLY E 109 31.13 25.44 -12.18
CA GLY E 109 30.94 24.09 -12.71
C GLY E 109 30.87 24.07 -14.23
N THR E 110 31.32 22.95 -14.79
CA THR E 110 31.31 22.74 -16.24
C THR E 110 30.71 21.37 -16.53
N SER E 111 29.73 21.33 -17.42
CA SER E 111 29.00 20.10 -17.70
C SER E 111 29.76 19.25 -18.71
N VAL E 112 29.95 17.98 -18.39
CA VAL E 112 30.57 17.01 -19.28
C VAL E 112 29.55 15.91 -19.55
N THR E 113 29.27 15.67 -20.83
CA THR E 113 28.27 14.70 -21.26
C THR E 113 28.95 13.67 -22.15
N VAL E 114 29.05 12.43 -21.67
CA VAL E 114 29.69 11.34 -22.40
C VAL E 114 28.59 10.54 -23.09
N SER E 115 28.47 10.70 -24.41
CA SER E 115 27.46 9.99 -25.18
C SER E 115 27.93 9.87 -26.62
N SER E 116 27.32 8.93 -27.34
CA SER E 116 27.66 8.67 -28.73
C SER E 116 26.75 9.38 -29.72
N ALA E 117 25.68 10.02 -29.26
CA ALA E 117 24.78 10.76 -30.13
C ALA E 117 25.42 12.09 -30.53
N SER E 118 24.72 12.83 -31.38
CA SER E 118 25.22 14.09 -31.91
C SER E 118 24.57 15.27 -31.17
N ILE E 119 25.20 16.44 -31.32
CA ILE E 119 24.70 17.65 -30.70
C ILE E 119 23.58 18.24 -31.55
N ARG E 120 22.44 18.51 -30.92
CA ARG E 120 21.28 19.09 -31.59
C ARG E 120 20.98 20.44 -30.97
N ASN E 121 21.02 21.49 -31.79
CA ASN E 121 20.75 22.83 -31.29
C ASN E 121 19.28 22.96 -30.91
N PRO E 122 18.97 23.73 -29.87
CA PRO E 122 17.59 23.85 -29.42
C PRO E 122 16.69 24.49 -30.47
N GLN E 123 15.47 23.96 -30.59
CA GLN E 123 14.45 24.51 -31.47
C GLN E 123 13.52 25.37 -30.62
N LEU E 124 13.62 26.69 -30.78
CA LEU E 124 12.93 27.63 -29.93
C LEU E 124 11.51 27.90 -30.44
N TYR E 125 10.54 27.84 -29.53
CA TYR E 125 9.14 28.14 -29.84
C TYR E 125 8.60 29.01 -28.72
N PRO E 126 7.86 30.06 -29.04
CA PRO E 126 7.24 30.90 -28.01
C PRO E 126 5.90 30.31 -27.53
N LEU E 127 5.36 30.94 -26.49
CA LEU E 127 4.09 30.49 -25.90
C LEU E 127 3.28 31.72 -25.51
N LYS E 128 2.20 31.97 -26.25
CA LYS E 128 1.28 33.06 -25.98
C LYS E 128 -0.14 32.54 -25.79
N PRO E 129 -0.87 33.04 -24.80
CA PRO E 129 -2.22 32.49 -24.56
C PRO E 129 -3.16 32.67 -25.74
N CYS E 130 -3.23 33.88 -26.30
CA CYS E 130 -4.06 34.18 -27.48
C CYS E 130 -5.52 33.82 -27.23
N LYS E 131 -6.03 34.15 -26.05
CA LYS E 131 -7.40 33.85 -25.71
C LYS E 131 -8.02 34.98 -24.88
N THR E 137 1.01 33.68 -18.02
CA THR E 137 1.03 34.93 -18.76
C THR E 137 1.75 34.77 -20.09
N LEU E 138 3.03 34.41 -20.01
CA LEU E 138 3.84 34.20 -21.20
C LEU E 138 4.97 33.24 -20.84
N GLY E 139 5.69 32.78 -21.86
CA GLY E 139 6.80 31.88 -21.62
C GLY E 139 7.49 31.51 -22.91
N CYS E 140 8.70 30.96 -22.75
CA CYS E 140 9.50 30.43 -23.84
C CYS E 140 9.70 28.93 -23.62
N LEU E 141 9.71 28.18 -24.72
CA LEU E 141 9.88 26.73 -24.68
C LEU E 141 11.01 26.32 -25.62
N VAL E 142 11.97 25.58 -25.09
CA VAL E 142 13.12 25.09 -25.85
C VAL E 142 13.07 23.57 -25.85
N LYS E 143 13.12 22.97 -27.04
CA LYS E 143 12.92 21.54 -27.20
C LYS E 143 13.97 20.94 -28.11
N ASP E 144 14.09 19.62 -28.05
CA ASP E 144 14.91 18.82 -28.96
C ASP E 144 16.36 19.31 -29.00
N TYR E 145 17.01 19.24 -27.84
CA TYR E 145 18.38 19.71 -27.70
C TYR E 145 19.19 18.74 -26.85
N PHE E 146 20.41 18.46 -27.32
CA PHE E 146 21.37 17.55 -26.72
C PHE E 146 22.78 18.08 -27.01
N PRO E 147 23.65 18.16 -25.99
CA PRO E 147 23.32 17.99 -24.58
C PRO E 147 23.20 19.33 -23.86
N GLY E 148 23.12 19.32 -22.54
CA GLY E 148 23.08 20.54 -21.78
C GLY E 148 24.44 21.18 -21.63
N PRO E 149 24.46 22.37 -21.02
CA PRO E 149 23.29 23.07 -20.51
C PRO E 149 22.75 24.12 -21.47
N VAL E 150 21.64 24.76 -21.09
CA VAL E 150 21.00 25.79 -21.89
C VAL E 150 20.76 26.98 -20.97
N THR E 151 21.57 28.02 -21.10
CA THR E 151 21.41 29.22 -20.29
C THR E 151 20.19 30.00 -20.76
N VAL E 152 19.18 30.11 -19.92
CA VAL E 152 17.93 30.79 -20.24
C VAL E 152 17.88 32.08 -19.43
N THR E 153 17.94 33.22 -20.11
CA THR E 153 17.85 34.52 -19.48
C THR E 153 16.78 35.34 -20.20
N TRP E 154 15.92 35.99 -19.42
CA TRP E 154 14.83 36.79 -19.95
C TRP E 154 15.03 38.24 -19.55
N TYR E 155 14.92 39.14 -20.52
CA TYR E 155 15.13 40.57 -20.29
C TYR E 155 13.94 41.35 -20.84
N SER E 156 13.36 42.18 -19.97
CA SER E 156 12.26 43.06 -20.34
C SER E 156 12.50 44.43 -19.73
N ASP E 157 12.26 45.47 -20.53
CA ASP E 157 12.49 46.84 -20.06
C ASP E 157 11.58 47.17 -18.89
N SER E 158 10.34 46.67 -18.91
CA SER E 158 9.45 46.83 -17.77
C SER E 158 9.97 46.01 -16.59
N LEU E 159 9.94 46.63 -15.41
CA LEU E 159 10.52 46.04 -14.21
C LEU E 159 9.50 45.15 -13.50
N ASN E 160 9.83 44.74 -12.28
CA ASN E 160 9.03 43.86 -11.45
C ASN E 160 8.78 42.50 -12.10
N MET E 161 9.60 42.11 -13.06
CA MET E 161 9.39 40.84 -13.75
C MET E 161 9.82 39.67 -12.88
N SER E 162 9.02 38.60 -12.92
CA SER E 162 9.29 37.37 -12.17
C SER E 162 9.48 36.24 -13.16
N THR E 163 10.67 35.63 -13.13
CA THR E 163 11.02 34.54 -14.03
C THR E 163 11.15 33.24 -13.27
N VAL E 164 10.65 32.16 -13.85
CA VAL E 164 10.70 30.83 -13.26
C VAL E 164 11.23 29.89 -14.35
N ASN E 165 12.50 29.48 -14.21
CA ASN E 165 13.11 28.53 -15.13
C ASN E 165 12.85 27.11 -14.64
N PHE E 166 12.30 26.29 -15.49
CA PHE E 166 11.95 24.91 -15.17
C PHE E 166 13.09 23.97 -15.54
N PRO E 167 13.33 22.94 -14.74
CA PRO E 167 14.43 22.02 -15.02
C PRO E 167 14.22 21.28 -16.34
N ALA E 168 15.34 20.99 -17.00
CA ALA E 168 15.30 20.27 -18.27
C ALA E 168 15.08 18.78 -18.00
N LEU E 169 14.06 18.21 -18.63
CA LEU E 169 13.68 16.81 -18.46
C LEU E 169 14.06 16.06 -19.73
N GLY E 170 15.05 15.17 -19.61
CA GLY E 170 15.48 14.37 -20.75
C GLY E 170 16.74 13.57 -20.49
N SER E 171 16.92 12.49 -21.25
CA SER E 171 18.11 11.64 -21.16
C SER E 171 18.85 11.54 -22.48
N GLU E 172 18.13 11.36 -23.59
CA GLU E 172 18.72 11.36 -24.92
C GLU E 172 18.45 12.66 -25.67
N LEU E 173 17.23 13.17 -25.61
CA LEU E 173 16.87 14.46 -26.18
C LEU E 173 16.11 15.25 -25.13
N LYS E 174 16.69 16.35 -24.68
CA LYS E 174 16.16 17.12 -23.55
C LYS E 174 15.26 18.25 -24.03
N VAL E 175 14.43 18.72 -23.09
CA VAL E 175 13.48 19.80 -23.36
C VAL E 175 13.24 20.55 -22.06
N THR E 176 13.12 21.88 -22.16
CA THR E 176 12.91 22.71 -21.00
C THR E 176 12.02 23.89 -21.36
N THR E 177 11.41 24.48 -20.35
CA THR E 177 10.54 25.64 -20.53
C THR E 177 10.84 26.67 -19.45
N SER E 178 10.22 27.84 -19.59
CA SER E 178 10.42 28.92 -18.64
C SER E 178 9.23 29.87 -18.70
N GLN E 179 8.75 30.29 -17.53
CA GLN E 179 7.60 31.17 -17.42
C GLN E 179 8.05 32.56 -16.96
N VAL E 180 7.18 33.54 -17.20
CA VAL E 180 7.41 34.92 -16.82
C VAL E 180 6.11 35.51 -16.30
N THR E 181 6.18 36.19 -15.15
CA THR E 181 5.03 36.84 -14.54
C THR E 181 5.12 38.33 -14.81
N SER E 182 4.18 38.86 -15.58
CA SER E 182 4.18 40.28 -15.96
C SER E 182 3.62 41.09 -14.80
N TRP E 183 4.51 41.69 -14.01
CA TRP E 183 4.10 42.52 -12.88
C TRP E 183 4.64 43.94 -13.04
N LYS E 188 5.96 45.31 -21.64
CA LYS E 188 5.15 45.34 -22.84
C LYS E 188 5.56 44.23 -23.81
N ASN E 189 6.85 44.21 -24.16
CA ASN E 189 7.41 43.20 -25.05
C ASN E 189 8.49 42.43 -24.29
N PHE E 190 8.48 41.10 -24.43
CA PHE E 190 9.37 40.22 -23.69
C PHE E 190 10.24 39.43 -24.66
N THR E 191 11.53 39.34 -24.35
CA THR E 191 12.49 38.61 -25.17
C THR E 191 13.31 37.69 -24.27
N CYS E 192 13.56 36.47 -24.75
CA CYS E 192 14.35 35.48 -24.04
C CYS E 192 15.54 35.04 -24.89
N HIS E 193 16.45 34.29 -24.27
CA HIS E 193 17.72 33.93 -24.89
C HIS E 193 18.06 32.48 -24.57
N VAL E 194 19.16 32.01 -25.19
CA VAL E 194 19.60 30.63 -25.04
C VAL E 194 21.06 30.55 -25.47
N THR E 195 21.75 29.51 -25.02
CA THR E 195 23.14 29.26 -25.38
C THR E 195 23.41 27.76 -25.32
N HIS E 196 24.55 27.35 -25.88
CA HIS E 196 24.85 25.93 -26.03
C HIS E 196 26.35 25.76 -25.97
N PRO E 197 26.84 24.63 -25.45
CA PRO E 197 28.30 24.47 -25.20
C PRO E 197 29.15 24.65 -26.44
N PRO E 198 28.84 23.99 -27.59
CA PRO E 198 29.77 24.13 -28.73
C PRO E 198 29.67 25.48 -29.40
N SER E 199 29.74 26.57 -28.62
CA SER E 199 29.78 27.93 -29.13
C SER E 199 28.57 28.25 -30.01
N PHE E 200 27.44 27.58 -29.77
CA PHE E 200 26.20 27.82 -30.49
C PHE E 200 25.27 28.67 -29.63
N ASN E 201 24.72 29.72 -30.21
CA ASN E 201 23.84 30.63 -29.48
C ASN E 201 22.73 31.11 -30.39
N GLU E 202 21.64 31.58 -29.76
CA GLU E 202 20.49 32.10 -30.49
C GLU E 202 19.70 33.00 -29.54
N SER E 203 18.66 33.63 -30.07
CA SER E 203 17.79 34.50 -29.29
C SER E 203 16.53 34.80 -30.07
N ARG E 204 15.43 35.03 -29.33
CA ARG E 204 14.14 35.35 -29.92
C ARG E 204 13.48 36.44 -29.09
N THR E 205 12.33 36.90 -29.55
CA THR E 205 11.60 37.98 -28.89
C THR E 205 10.12 37.86 -29.18
N ILE E 206 9.32 38.52 -28.35
CA ILE E 206 7.86 38.52 -28.49
C ILE E 206 7.29 39.75 -27.81
N LEU E 207 5.98 39.96 -27.98
CA LEU E 207 5.31 41.11 -27.39
C LEU E 207 3.89 40.73 -27.01
N VAL E 208 3.34 41.45 -26.05
CA VAL E 208 1.98 41.20 -25.57
C VAL E 208 1.00 42.15 -26.26
N ILE F 2 37.39 5.39 4.69
CA ILE F 2 36.32 5.77 5.61
C ILE F 2 35.04 6.09 4.84
N GLN F 3 33.90 5.80 5.46
CA GLN F 3 32.60 6.04 4.85
C GLN F 3 31.71 6.76 5.85
N MET F 4 31.01 7.79 5.38
CA MET F 4 30.13 8.59 6.21
C MET F 4 28.70 8.50 5.68
N THR F 5 27.78 8.08 6.54
CA THR F 5 26.36 8.05 6.21
C THR F 5 25.66 9.21 6.89
N GLN F 6 24.67 9.79 6.21
CA GLN F 6 24.02 11.01 6.65
C GLN F 6 22.54 10.77 6.89
N SER F 7 22.03 11.35 7.96
CA SER F 7 20.63 11.24 8.36
C SER F 7 20.18 12.58 8.95
N PRO F 8 18.89 12.93 8.81
CA PRO F 8 17.86 12.22 8.03
C PRO F 8 17.98 12.48 6.54
N ALA F 9 17.65 11.49 5.72
CA ALA F 9 17.77 11.65 4.27
C ALA F 9 16.81 12.71 3.75
N SER F 10 15.63 12.83 4.36
CA SER F 10 14.66 13.84 4.01
C SER F 10 14.07 14.42 5.29
N LEU F 11 14.04 15.75 5.38
CA LEU F 11 13.47 16.45 6.52
C LEU F 11 12.59 17.57 6.02
N SER F 12 11.41 17.70 6.61
CA SER F 12 10.48 18.79 6.31
C SER F 12 10.19 19.53 7.61
N ALA F 13 10.32 20.84 7.59
CA ALA F 13 10.16 21.64 8.80
C ALA F 13 9.53 22.98 8.45
N SER F 14 8.73 23.48 9.38
CA SER F 14 8.09 24.79 9.23
C SER F 14 9.08 25.90 9.57
N VAL F 15 8.72 27.12 9.17
CA VAL F 15 9.56 28.27 9.43
C VAL F 15 9.67 28.50 10.93
N GLY F 16 10.89 28.68 11.43
CA GLY F 16 11.13 28.95 12.83
C GLY F 16 11.30 27.74 13.71
N GLU F 17 11.43 26.55 13.14
CA GLU F 17 11.58 25.32 13.91
C GLU F 17 13.00 24.81 13.75
N THR F 18 13.67 24.60 14.88
CA THR F 18 15.04 24.10 14.86
C THR F 18 15.07 22.65 14.40
N VAL F 19 16.05 22.33 13.56
CA VAL F 19 16.24 20.97 13.04
C VAL F 19 17.72 20.63 13.09
N THR F 20 18.01 19.33 13.17
CA THR F 20 19.38 18.83 13.21
C THR F 20 19.55 17.74 12.17
N ILE F 21 20.62 17.84 11.38
CA ILE F 21 21.01 16.83 10.41
C ILE F 21 22.33 16.23 10.88
N THR F 22 22.35 14.90 11.06
CA THR F 22 23.46 14.21 11.67
C THR F 22 24.21 13.38 10.65
N CYS F 23 25.54 13.48 10.66
CA CYS F 23 26.42 12.69 9.81
C CYS F 23 27.25 11.77 10.70
N ARG F 24 27.01 10.47 10.59
CA ARG F 24 27.78 9.47 11.33
C ARG F 24 28.82 8.85 10.42
N ALA F 25 30.00 8.61 10.97
CA ALA F 25 31.13 8.07 10.21
C ALA F 25 31.56 6.73 10.79
N SER F 26 32.21 5.93 9.95
CA SER F 26 32.65 4.61 10.36
C SER F 26 33.70 4.70 11.47
N GLY F 27 34.70 5.56 11.29
CA GLY F 27 35.76 5.74 12.26
C GLY F 27 35.84 7.18 12.74
N ASN F 28 36.65 7.39 13.76
CA ASN F 28 36.85 8.72 14.33
C ASN F 28 37.48 9.63 13.29
N ILE F 29 36.77 10.70 12.93
CA ILE F 29 37.27 11.66 11.95
C ILE F 29 38.05 12.80 12.60
N HIS F 30 37.99 12.92 13.94
CA HIS F 30 38.72 13.95 14.68
C HIS F 30 38.40 15.35 14.16
N ASN F 31 37.10 15.62 14.00
CA ASN F 31 36.58 16.95 13.65
C ASN F 31 37.13 17.44 12.31
N TYR F 32 37.16 16.54 11.32
CA TYR F 32 37.59 16.89 9.98
C TYR F 32 36.43 16.91 8.99
N LEU F 33 35.20 16.97 9.50
CA LEU F 33 34.02 17.02 8.64
C LEU F 33 33.77 18.45 8.16
N ALA F 34 32.86 18.57 7.20
CA ALA F 34 32.48 19.87 6.66
C ALA F 34 31.10 19.74 6.03
N TRP F 35 30.28 20.77 6.22
CA TRP F 35 28.89 20.76 5.78
C TRP F 35 28.72 21.73 4.61
N PHE F 36 27.93 21.32 3.62
CA PHE F 36 27.73 22.10 2.40
C PHE F 36 26.25 22.26 2.14
N GLN F 37 25.86 23.41 1.60
CA GLN F 37 24.49 23.69 1.18
C GLN F 37 24.48 23.96 -0.31
N GLN F 38 23.85 23.07 -1.08
CA GLN F 38 23.72 23.24 -2.52
C GLN F 38 22.26 23.50 -2.86
N LYS F 39 21.99 24.66 -3.44
CA LYS F 39 20.67 24.92 -3.98
C LYS F 39 20.58 24.37 -5.40
N GLN F 40 19.35 24.12 -5.84
CA GLN F 40 19.13 23.45 -7.12
C GLN F 40 19.69 24.26 -8.27
N GLY F 41 20.54 23.63 -9.08
CA GLY F 41 21.12 24.28 -10.23
C GLY F 41 22.14 25.35 -9.92
N LYS F 42 22.84 25.23 -8.79
CA LYS F 42 23.83 26.21 -8.40
C LYS F 42 25.03 25.49 -7.80
N SER F 43 26.08 26.27 -7.52
CA SER F 43 27.27 25.72 -6.92
C SER F 43 27.08 25.54 -5.41
N PRO F 44 27.71 24.53 -4.82
CA PRO F 44 27.62 24.34 -3.37
C PRO F 44 28.25 25.51 -2.62
N GLN F 45 27.77 25.75 -1.40
CA GLN F 45 28.27 26.81 -0.55
C GLN F 45 28.63 26.22 0.82
N LEU F 46 29.81 26.56 1.31
CA LEU F 46 30.26 26.03 2.59
C LEU F 46 29.46 26.64 3.73
N LEU F 47 28.99 25.79 4.64
CA LEU F 47 28.22 26.21 5.80
C LEU F 47 29.07 26.24 7.07
N VAL F 48 29.78 25.16 7.35
CA VAL F 48 30.64 25.09 8.52
C VAL F 48 31.71 24.03 8.26
N TYR F 49 32.93 24.33 8.67
CA TYR F 49 34.05 23.42 8.53
C TYR F 49 34.55 23.01 9.91
N ASN F 50 35.51 22.09 9.92
CA ASN F 50 36.04 21.48 11.15
C ASN F 50 34.89 20.86 11.94
N ALA F 51 34.50 21.46 13.06
CA ALA F 51 33.34 20.99 13.82
C ALA F 51 32.29 22.09 13.94
N LYS F 52 32.60 23.18 14.66
CA LYS F 52 31.68 24.31 14.80
C LYS F 52 32.27 25.58 14.23
N THR F 53 33.38 25.49 13.50
CA THR F 53 34.00 26.64 12.88
C THR F 53 33.10 27.16 11.77
N LEU F 54 32.43 28.29 12.02
CA LEU F 54 31.49 28.84 11.06
C LEU F 54 32.23 29.36 9.83
N ALA F 55 31.58 29.27 8.68
CA ALA F 55 32.09 29.80 7.43
C ALA F 55 31.64 31.25 7.25
N ASP F 56 32.44 32.02 6.51
CA ASP F 56 32.15 33.43 6.32
C ASP F 56 30.84 33.62 5.57
N GLY F 57 30.01 34.53 6.06
CA GLY F 57 28.72 34.83 5.46
C GLY F 57 27.59 33.94 5.92
N VAL F 58 27.87 32.91 6.71
CA VAL F 58 26.84 31.99 7.19
C VAL F 58 26.21 32.57 8.45
N PRO F 59 24.88 32.69 8.50
CA PRO F 59 24.23 33.29 9.68
C PRO F 59 24.45 32.45 10.93
N SER F 60 24.32 33.12 12.08
CA SER F 60 24.51 32.47 13.37
C SER F 60 23.44 31.42 13.67
N ARG F 61 22.34 31.39 12.90
CA ARG F 61 21.33 30.37 13.09
C ARG F 61 21.86 28.98 12.74
N PHE F 62 22.90 28.90 11.93
CA PHE F 62 23.58 27.64 11.66
C PHE F 62 24.58 27.36 12.78
N SER F 63 24.45 26.19 13.41
CA SER F 63 25.30 25.83 14.54
C SER F 63 25.74 24.38 14.38
N GLY F 64 27.04 24.18 14.15
CA GLY F 64 27.59 22.84 14.09
C GLY F 64 28.06 22.37 15.46
N SER F 65 28.06 21.05 15.64
CA SER F 65 28.45 20.44 16.89
C SER F 65 28.70 18.96 16.66
N GLY F 66 29.36 18.33 17.63
CA GLY F 66 29.66 16.91 17.58
C GLY F 66 31.13 16.64 17.85
N SER F 67 31.43 15.35 17.96
CA SER F 67 32.80 14.88 18.18
C SER F 67 32.83 13.38 17.95
N GLY F 68 34.05 12.84 17.91
CA GLY F 68 34.21 11.40 17.75
C GLY F 68 33.92 10.96 16.33
N THR F 69 33.03 9.99 16.20
CA THR F 69 32.61 9.47 14.90
C THR F 69 31.16 9.82 14.57
N GLN F 70 30.58 10.79 15.28
CA GLN F 70 29.20 11.20 15.08
C GLN F 70 29.13 12.72 15.15
N TYR F 71 28.61 13.34 14.09
CA TYR F 71 28.53 14.79 14.00
C TYR F 71 27.15 15.19 13.48
N SER F 72 26.68 16.37 13.91
CA SER F 72 25.37 16.86 13.52
C SER F 72 25.46 18.32 13.15
N LEU F 73 24.37 18.85 12.57
CA LEU F 73 24.29 20.24 12.15
C LEU F 73 22.91 20.78 12.51
N LYS F 74 22.87 21.74 13.44
CA LYS F 74 21.62 22.29 13.92
C LYS F 74 21.36 23.65 13.28
N ILE F 75 20.10 23.91 12.96
CA ILE F 75 19.68 25.16 12.33
C ILE F 75 18.50 25.69 13.17
N ASN F 76 18.80 26.56 14.12
CA ASN F 76 17.75 27.26 14.85
C ASN F 76 17.23 28.42 13.99
N SER F 77 16.08 28.96 14.40
CA SER F 77 15.44 30.10 13.74
C SER F 77 15.36 29.87 12.23
N LEU F 78 14.69 28.79 11.87
CA LEU F 78 14.63 28.36 10.47
C LEU F 78 14.05 29.46 9.59
N GLN F 79 14.71 29.71 8.47
CA GLN F 79 14.31 30.75 7.54
C GLN F 79 13.92 30.12 6.20
N PRO F 80 13.02 30.76 5.45
CA PRO F 80 12.56 30.17 4.19
C PRO F 80 13.64 30.03 3.12
N GLU F 81 14.80 30.66 3.31
CA GLU F 81 15.89 30.56 2.34
C GLU F 81 16.74 29.32 2.54
N ASP F 82 16.47 28.52 3.56
CA ASP F 82 17.31 27.38 3.91
C ASP F 82 16.93 26.11 3.16
N PHE F 83 16.17 26.21 2.07
CA PHE F 83 15.88 25.05 1.26
C PHE F 83 17.13 24.61 0.50
N GLY F 84 17.15 23.33 0.13
CA GLY F 84 18.23 22.79 -0.67
C GLY F 84 18.74 21.49 -0.10
N SER F 85 19.84 21.01 -0.68
CA SER F 85 20.48 19.77 -0.28
C SER F 85 21.68 20.05 0.62
N TYR F 86 21.90 19.18 1.60
CA TYR F 86 23.00 19.32 2.54
C TYR F 86 23.85 18.05 2.51
N TYR F 87 25.14 18.21 2.28
CA TYR F 87 26.09 17.11 2.24
C TYR F 87 27.15 17.30 3.31
N CYS F 88 27.68 16.20 3.81
CA CYS F 88 28.76 16.21 4.79
C CYS F 88 29.97 15.48 4.20
N GLN F 89 31.12 16.13 4.24
CA GLN F 89 32.36 15.60 3.68
C GLN F 89 33.42 15.49 4.77
N HIS F 90 34.17 14.41 4.75
CA HIS F 90 35.25 14.17 5.71
C HIS F 90 36.60 14.36 5.03
N PHE F 91 37.54 14.96 5.76
CA PHE F 91 38.88 15.23 5.25
C PHE F 91 39.96 14.57 6.09
N TRP F 92 39.60 13.52 6.84
CA TRP F 92 40.54 12.81 7.71
C TRP F 92 41.58 12.06 6.90
N SER F 93 41.14 11.04 6.16
CA SER F 93 42.03 10.21 5.36
C SER F 93 41.44 10.02 3.97
N THR F 94 42.26 9.51 3.06
CA THR F 94 41.84 9.26 1.69
C THR F 94 41.02 7.97 1.62
N PRO F 95 40.01 7.92 0.75
CA PRO F 95 39.46 9.04 -0.03
C PRO F 95 38.52 9.91 0.79
N TYR F 96 38.25 11.13 0.33
CA TYR F 96 37.35 12.05 1.02
C TYR F 96 35.93 11.78 0.52
N THR F 97 35.19 10.96 1.27
CA THR F 97 33.81 10.66 0.90
C THR F 97 32.93 11.90 1.11
N PHE F 98 31.71 11.83 0.59
CA PHE F 98 30.83 12.99 0.53
C PHE F 98 29.46 12.77 1.16
N GLY F 99 29.16 11.56 1.63
CA GLY F 99 28.08 11.37 2.57
C GLY F 99 26.67 11.53 2.05
N GLY F 100 26.32 10.79 1.00
CA GLY F 100 24.94 10.62 0.59
C GLY F 100 24.25 11.90 0.16
N GLY F 101 23.32 12.38 0.98
CA GLY F 101 22.57 13.58 0.65
C GLY F 101 21.43 13.78 1.63
N THR F 102 20.83 14.98 1.55
CA THR F 102 19.73 15.35 2.44
C THR F 102 19.00 16.56 1.88
N LYS F 103 17.72 16.39 1.55
CA LYS F 103 16.90 17.47 1.01
C LYS F 103 15.99 18.04 2.09
N LEU F 104 16.03 19.35 2.26
CA LEU F 104 15.22 20.06 3.25
C LEU F 104 14.11 20.84 2.54
N GLU F 105 12.86 20.52 2.88
CA GLU F 105 11.70 21.19 2.31
C GLU F 105 11.10 22.14 3.34
N ILE F 106 10.85 23.38 2.93
CA ILE F 106 10.27 24.38 3.81
C ILE F 106 8.76 24.17 3.81
N LYS F 107 8.22 23.66 4.91
CA LYS F 107 6.79 23.42 5.02
C LYS F 107 6.03 24.74 5.02
N ARG F 108 4.79 24.68 4.54
CA ARG F 108 3.98 25.88 4.36
C ARG F 108 2.52 25.47 4.27
N ALA F 109 1.64 26.44 4.51
CA ALA F 109 0.21 26.19 4.39
C ALA F 109 -0.16 25.86 2.96
N ASP F 110 -1.05 24.88 2.80
CA ASP F 110 -1.43 24.41 1.47
C ASP F 110 -2.14 25.51 0.69
N ALA F 111 -1.77 25.64 -0.59
CA ALA F 111 -2.36 26.64 -1.46
C ALA F 111 -2.65 26.03 -2.83
N ALA F 112 -3.73 26.50 -3.44
CA ALA F 112 -4.15 25.98 -4.74
C ALA F 112 -3.35 26.63 -5.86
N PRO F 113 -2.98 25.87 -6.89
CA PRO F 113 -2.23 26.44 -8.01
C PRO F 113 -3.06 27.37 -8.89
N THR F 114 -2.33 28.17 -9.67
CA THR F 114 -2.89 29.00 -10.74
C THR F 114 -2.46 28.40 -12.08
N VAL F 115 -3.41 27.86 -12.82
CA VAL F 115 -3.11 27.14 -14.06
C VAL F 115 -3.18 28.09 -15.24
N SER F 116 -2.35 27.84 -16.24
CA SER F 116 -2.32 28.65 -17.45
C SER F 116 -1.77 27.78 -18.58
N ILE F 117 -2.67 27.34 -19.47
CA ILE F 117 -2.26 26.54 -20.61
C ILE F 117 -1.69 27.43 -21.70
N PHE F 118 -1.00 26.82 -22.65
CA PHE F 118 -0.37 27.56 -23.74
C PHE F 118 -0.42 26.74 -25.03
N PRO F 119 -1.08 27.26 -26.06
CA PRO F 119 -1.25 26.50 -27.29
C PRO F 119 0.05 26.41 -28.07
N PRO F 120 0.16 25.47 -29.02
CA PRO F 120 1.42 25.33 -29.76
C PRO F 120 1.73 26.57 -30.59
N SER F 121 3.02 26.80 -30.79
CA SER F 121 3.47 27.95 -31.56
C SER F 121 3.33 27.69 -33.05
N SER F 122 3.21 28.78 -33.81
CA SER F 122 3.02 28.66 -35.25
C SER F 122 4.25 28.07 -35.93
N GLU F 123 5.45 28.52 -35.53
CA GLU F 123 6.67 27.98 -36.11
C GLU F 123 6.82 26.49 -35.80
N GLN F 124 6.32 26.04 -34.64
CA GLN F 124 6.40 24.63 -34.31
C GLN F 124 5.52 23.79 -35.25
N LEU F 125 4.38 24.35 -35.67
CA LEU F 125 3.52 23.63 -36.61
C LEU F 125 4.24 23.34 -37.92
N THR F 126 5.15 24.22 -38.33
CA THR F 126 5.94 23.95 -39.52
C THR F 126 6.92 22.80 -39.30
N SER F 127 7.35 22.59 -38.06
CA SER F 127 8.33 21.53 -37.77
C SER F 127 7.74 20.13 -37.90
N GLY F 128 6.42 20.01 -37.96
CA GLY F 128 5.77 18.72 -38.06
C GLY F 128 5.28 18.15 -36.74
N GLY F 129 5.52 18.84 -35.63
CA GLY F 129 5.03 18.39 -34.34
C GLY F 129 4.38 19.54 -33.59
N ALA F 130 3.43 19.18 -32.74
CA ALA F 130 2.66 20.15 -31.98
C ALA F 130 2.68 19.78 -30.50
N SER F 131 3.07 20.72 -29.66
CA SER F 131 3.17 20.49 -28.22
C SER F 131 2.37 21.55 -27.48
N VAL F 132 1.44 21.11 -26.65
CA VAL F 132 0.68 21.99 -25.77
C VAL F 132 1.31 21.93 -24.39
N VAL F 133 1.61 23.11 -23.82
CA VAL F 133 2.34 23.21 -22.57
C VAL F 133 1.43 23.86 -21.53
N CYS F 134 1.61 23.45 -20.27
CA CYS F 134 0.80 23.93 -19.15
C CYS F 134 1.74 24.35 -18.02
N PHE F 135 1.42 25.48 -17.40
CA PHE F 135 2.20 26.01 -16.28
C PHE F 135 1.32 26.09 -15.03
N LEU F 136 1.81 25.54 -13.93
CA LEU F 136 1.21 25.68 -12.60
C LEU F 136 2.19 26.50 -11.77
N ASN F 137 1.86 27.79 -11.56
CA ASN F 137 2.88 28.75 -11.16
C ASN F 137 3.17 28.72 -9.66
N ASN F 138 2.16 28.56 -8.81
CA ASN F 138 2.40 28.62 -7.38
C ASN F 138 1.46 27.69 -6.64
N PHE F 139 2.00 26.74 -5.88
CA PHE F 139 1.17 25.78 -5.17
C PHE F 139 2.01 25.08 -4.10
N TYR F 140 1.30 24.40 -3.19
CA TYR F 140 1.87 23.55 -2.15
C TYR F 140 0.77 22.61 -1.70
N PRO F 141 1.07 21.31 -1.44
CA PRO F 141 2.36 20.61 -1.52
C PRO F 141 2.87 20.41 -2.94
N LYS F 142 4.01 19.73 -3.07
CA LYS F 142 4.61 19.52 -4.38
C LYS F 142 3.90 18.40 -5.16
N ASP F 143 3.25 17.48 -4.45
CA ASP F 143 2.56 16.37 -5.11
C ASP F 143 1.36 16.89 -5.89
N ILE F 144 1.42 16.77 -7.21
CA ILE F 144 0.32 17.19 -8.09
C ILE F 144 0.35 16.32 -9.34
N ASN F 145 -0.83 15.90 -9.79
CA ASN F 145 -0.96 15.05 -10.96
C ASN F 145 -1.62 15.82 -12.08
N VAL F 146 -0.97 15.84 -13.25
CA VAL F 146 -1.47 16.53 -14.43
C VAL F 146 -1.90 15.49 -15.45
N LYS F 147 -3.14 15.59 -15.92
CA LYS F 147 -3.71 14.67 -16.89
C LYS F 147 -4.18 15.46 -18.10
N TRP F 148 -3.59 15.17 -19.27
CA TRP F 148 -3.96 15.81 -20.51
C TRP F 148 -5.08 15.03 -21.20
N LYS F 149 -6.19 15.70 -21.48
CA LYS F 149 -7.34 15.11 -22.14
C LYS F 149 -7.41 15.65 -23.57
N ILE F 150 -7.15 14.78 -24.54
CA ILE F 150 -7.17 15.14 -25.96
C ILE F 150 -8.52 14.72 -26.53
N ASP F 151 -9.33 15.69 -26.95
CA ASP F 151 -10.67 15.47 -27.47
C ASP F 151 -11.54 14.65 -26.53
N GLY F 152 -11.26 14.67 -25.23
CA GLY F 152 -12.02 13.90 -24.26
C GLY F 152 -11.43 12.56 -23.89
N SER F 153 -10.17 12.31 -24.20
CA SER F 153 -9.50 11.05 -23.86
C SER F 153 -8.15 11.35 -23.25
N GLU F 154 -7.86 10.71 -22.11
CA GLU F 154 -6.61 10.93 -21.40
C GLU F 154 -5.45 10.35 -22.21
N ARG F 155 -4.59 11.24 -22.73
CA ARG F 155 -3.41 10.83 -23.46
C ARG F 155 -2.20 10.96 -22.54
N GLN F 156 -1.50 9.85 -22.30
CA GLN F 156 -0.33 9.86 -21.44
C GLN F 156 0.90 9.24 -22.10
N ASN F 157 0.78 8.76 -23.34
CA ASN F 157 1.89 8.05 -23.98
C ASN F 157 3.05 8.99 -24.26
N GLY F 158 2.76 10.20 -24.75
CA GLY F 158 3.82 11.12 -25.13
C GLY F 158 3.98 12.32 -24.21
N VAL F 159 3.14 12.41 -23.17
CA VAL F 159 3.21 13.56 -22.27
C VAL F 159 4.46 13.48 -21.39
N LEU F 160 4.90 14.66 -20.92
CA LEU F 160 6.04 14.79 -20.04
C LEU F 160 5.81 15.97 -19.10
N ASN F 161 6.54 15.98 -17.98
CA ASN F 161 6.37 16.99 -16.94
C ASN F 161 7.69 17.26 -16.25
N SER F 162 7.77 18.42 -15.58
CA SER F 162 8.97 18.85 -14.88
C SER F 162 8.59 19.83 -13.76
N TRP F 163 9.36 19.80 -12.67
CA TRP F 163 9.05 20.51 -11.43
C TRP F 163 10.18 21.45 -11.06
N THR F 164 9.86 22.68 -10.69
CA THR F 164 10.86 23.59 -10.15
C THR F 164 11.12 23.32 -8.67
N ASP F 165 12.10 24.03 -8.13
CA ASP F 165 12.36 24.03 -6.71
C ASP F 165 11.51 25.10 -6.02
N GLN F 166 11.59 25.12 -4.69
CA GLN F 166 10.75 26.03 -3.90
C GLN F 166 11.13 27.47 -4.16
N ASP F 167 10.11 28.32 -4.28
CA ASP F 167 10.34 29.76 -4.44
C ASP F 167 11.08 30.31 -3.23
N SER F 168 11.79 31.41 -3.44
CA SER F 168 12.76 31.89 -2.45
C SER F 168 12.08 32.23 -1.12
N LYS F 169 11.02 33.02 -1.17
CA LYS F 169 10.38 33.55 0.03
C LYS F 169 9.08 32.86 0.39
N ASP F 170 8.13 32.75 -0.55
CA ASP F 170 6.81 32.24 -0.22
C ASP F 170 6.79 30.74 0.05
N SER F 171 7.92 30.04 -0.16
CA SER F 171 8.02 28.58 -0.02
C SER F 171 7.05 27.85 -0.94
N THR F 172 6.61 28.50 -2.02
CA THR F 172 5.74 27.88 -3.00
C THR F 172 6.57 27.11 -4.03
N TYR F 173 5.87 26.40 -4.91
CA TYR F 173 6.48 25.62 -5.98
C TYR F 173 5.98 26.11 -7.33
N SER F 174 6.43 25.43 -8.38
CA SER F 174 5.98 25.69 -9.74
C SER F 174 6.28 24.47 -10.59
N MET F 175 5.40 24.21 -11.56
CA MET F 175 5.50 23.00 -12.37
C MET F 175 5.13 23.30 -13.82
N SER F 176 5.83 22.65 -14.74
CA SER F 176 5.54 22.73 -16.16
C SER F 176 5.33 21.33 -16.73
N SER F 177 4.45 21.24 -17.72
CA SER F 177 4.11 19.96 -18.34
C SER F 177 3.86 20.19 -19.82
N THR F 178 4.50 19.38 -20.66
CA THR F 178 4.41 19.50 -22.12
C THR F 178 3.83 18.23 -22.70
N LEU F 179 2.81 18.38 -23.55
CA LEU F 179 2.17 17.26 -24.23
C LEU F 179 2.69 17.21 -25.67
N THR F 180 3.59 16.27 -25.94
CA THR F 180 4.20 16.15 -27.25
C THR F 180 3.38 15.22 -28.13
N LEU F 181 3.10 15.66 -29.36
CA LEU F 181 2.32 14.87 -30.30
C LEU F 181 2.55 15.43 -31.70
N THR F 182 2.37 14.57 -32.70
CA THR F 182 2.58 14.98 -34.08
C THR F 182 1.45 15.88 -34.56
N LYS F 183 1.78 16.75 -35.52
CA LYS F 183 0.77 17.65 -36.08
C LYS F 183 -0.35 16.89 -36.78
N ASP F 184 -0.08 15.67 -37.24
CA ASP F 184 -1.14 14.84 -37.81
C ASP F 184 -2.18 14.49 -36.74
N GLU F 185 -1.72 14.14 -35.54
CA GLU F 185 -2.64 13.95 -34.42
C GLU F 185 -3.30 15.26 -34.02
N TYR F 186 -2.62 16.39 -34.26
CA TYR F 186 -3.12 17.67 -33.77
C TYR F 186 -4.35 18.14 -34.56
N GLU F 187 -4.29 18.05 -35.89
CA GLU F 187 -5.36 18.59 -36.71
C GLU F 187 -6.67 17.83 -36.51
N ARG F 188 -6.60 16.53 -36.17
CA ARG F 188 -7.81 15.72 -36.07
C ARG F 188 -8.68 16.18 -34.91
N HIS F 189 -8.09 16.35 -33.72
CA HIS F 189 -8.84 16.69 -32.52
C HIS F 189 -8.91 18.20 -32.35
N ASN F 190 -9.94 18.64 -31.60
CA ASN F 190 -10.28 20.05 -31.53
C ASN F 190 -10.31 20.64 -30.13
N SER F 191 -10.39 19.84 -29.08
CA SER F 191 -10.47 20.33 -27.70
C SER F 191 -9.33 19.73 -26.89
N TYR F 192 -8.47 20.58 -26.36
CA TYR F 192 -7.32 20.17 -25.56
C TYR F 192 -7.44 20.77 -24.17
N THR F 193 -7.31 19.93 -23.15
CA THR F 193 -7.59 20.33 -21.78
C THR F 193 -6.42 19.95 -20.86
N CYS F 194 -6.02 20.88 -20.00
CA CYS F 194 -5.01 20.65 -18.98
C CYS F 194 -5.71 20.52 -17.63
N GLU F 195 -5.73 19.32 -17.08
CA GLU F 195 -6.44 19.03 -15.84
C GLU F 195 -5.45 18.55 -14.78
N ALA F 196 -5.44 19.21 -13.63
CA ALA F 196 -4.62 18.83 -12.49
C ALA F 196 -5.49 18.70 -11.25
N THR F 197 -5.01 17.94 -10.27
CA THR F 197 -5.78 17.69 -9.05
C THR F 197 -4.84 17.38 -7.90
N HIS F 198 -4.94 18.17 -6.83
CA HIS F 198 -4.23 17.89 -5.59
C HIS F 198 -4.80 18.73 -4.44
N LYS F 199 -5.12 18.08 -3.33
CA LYS F 199 -5.59 18.75 -2.11
C LYS F 199 -6.88 19.53 -2.35
N THR F 200 -7.83 18.93 -3.06
CA THR F 200 -9.11 19.56 -3.34
C THR F 200 -10.06 18.49 -3.88
N SER F 201 -11.33 18.56 -3.46
CA SER F 201 -12.32 17.58 -3.89
C SER F 201 -12.59 17.64 -5.40
N THR F 202 -12.27 18.75 -6.05
CA THR F 202 -12.48 18.93 -7.48
C THR F 202 -11.13 19.17 -8.15
N SER F 203 -11.17 19.47 -9.45
CA SER F 203 -9.95 19.65 -10.23
C SER F 203 -10.06 20.88 -11.11
N PRO F 204 -9.07 21.78 -11.07
CA PRO F 204 -9.08 22.91 -12.00
C PRO F 204 -8.71 22.46 -13.40
N ILE F 205 -9.08 23.30 -14.38
CA ILE F 205 -8.80 22.99 -15.78
C ILE F 205 -8.83 24.29 -16.58
N VAL F 206 -8.02 24.33 -17.63
CA VAL F 206 -8.01 25.43 -18.59
C VAL F 206 -7.90 24.81 -19.98
N LYS F 207 -8.87 25.09 -20.84
CA LYS F 207 -8.99 24.42 -22.13
C LYS F 207 -8.89 25.43 -23.27
N SER F 208 -8.72 24.89 -24.49
CA SER F 208 -8.64 25.69 -25.70
C SER F 208 -9.24 24.90 -26.85
N PHE F 209 -9.41 25.58 -27.99
CA PHE F 209 -9.94 24.95 -29.20
C PHE F 209 -9.17 25.47 -30.40
N ASN F 210 -9.16 24.67 -31.47
CA ASN F 210 -8.46 25.04 -32.70
C ASN F 210 -9.03 26.32 -33.29
#